data_2C8H
#
_entry.id   2C8H
#
_cell.length_a   105.388
_cell.length_b   75.611
_cell.length_c   120.783
_cell.angle_alpha   90.00
_cell.angle_beta   102.75
_cell.angle_gamma   90.00
#
_symmetry.space_group_name_H-M   'C 1 2 1'
#
loop_
_entity.id
_entity.type
_entity.pdbx_description
1 polymer 'MONO-ADP-RIBOSYLTRANSFERASE C3'
2 non-polymer NICOTINAMIDE-ADENINE-DINUCLEOTIDE
3 non-polymer 'SULFATE ION'
4 water water
#
_entity_poly.entity_id   1
_entity_poly.type   'polypeptide(L)'
_entity_poly.pdbx_seq_one_letter_code
;AYSNTYQEFTNIDQAKAWGNAQYKKYGLSKSEKEAIVSYTKSASEINGKLRQNKGVINGFPSNLIKQVELLDKSFNKMKT
PENIMLFRGDDPAYLGTEFQNTLLNSNGTINKTAFEKAKAKFLNKDRLEYGYISTSLMNVSAFAGRPIITKFKVAKGSKA
GYIDPISAFAGQLEMLLPRHSTYHIDDMRLSSDGKQIIITATMMGTAINPK
;
_entity_poly.pdbx_strand_id   A,B,C,D
#
loop_
_chem_comp.id
_chem_comp.type
_chem_comp.name
_chem_comp.formula
NAD non-polymer NICOTINAMIDE-ADENINE-DINUCLEOTIDE 'C21 H27 N7 O14 P2'
SO4 non-polymer 'SULFATE ION' 'O4 S -2'
#
# COMPACT_ATOMS: atom_id res chain seq x y z
N ASN A 4 17.22 9.36 -29.55
CA ASN A 4 16.29 8.26 -29.92
C ASN A 4 15.27 8.04 -28.80
N THR A 5 14.04 7.75 -29.20
CA THR A 5 12.96 7.51 -28.25
C THR A 5 12.73 6.01 -28.06
N TYR A 6 12.29 5.65 -26.86
CA TYR A 6 12.06 4.26 -26.48
C TYR A 6 10.59 4.05 -26.14
N GLN A 7 10.03 2.96 -26.66
CA GLN A 7 8.63 2.61 -26.43
C GLN A 7 8.41 2.25 -24.96
N GLU A 8 7.43 2.89 -24.34
CA GLU A 8 7.03 2.58 -22.97
C GLU A 8 5.55 2.20 -22.97
N PHE A 9 5.27 0.93 -22.69
CA PHE A 9 3.90 0.47 -22.56
C PHE A 9 3.28 1.04 -21.29
N THR A 10 2.02 1.46 -21.41
CA THR A 10 1.26 2.00 -20.29
C THR A 10 -0.08 1.29 -20.08
N ASN A 11 -0.34 0.26 -20.88
CA ASN A 11 -1.59 -0.52 -20.79
C ASN A 11 -1.26 -2.00 -20.89
N ILE A 12 -1.74 -2.78 -19.91
CA ILE A 12 -1.41 -4.21 -19.83
C ILE A 12 -1.84 -4.98 -21.07
N ASP A 13 -3.07 -4.76 -21.54
CA ASP A 13 -3.55 -5.47 -22.73
C ASP A 13 -2.76 -5.11 -23.98
N GLN A 14 -2.33 -3.85 -24.09
CA GLN A 14 -1.52 -3.43 -25.23
C GLN A 14 -0.14 -4.08 -25.18
N ALA A 15 0.42 -4.22 -23.98
CA ALA A 15 1.72 -4.87 -23.80
C ALA A 15 1.66 -6.35 -24.14
N LYS A 16 0.61 -7.02 -23.66
CA LYS A 16 0.42 -8.44 -23.94
C LYS A 16 0.24 -8.72 -25.43
N ALA A 17 -0.53 -7.87 -26.11
CA ALA A 17 -0.76 -8.03 -27.54
C ALA A 17 0.55 -7.90 -28.33
N TRP A 18 1.39 -6.94 -27.95
CA TRP A 18 2.67 -6.73 -28.61
C TRP A 18 3.59 -7.91 -28.33
N GLY A 19 3.67 -8.29 -27.06
CA GLY A 19 4.51 -9.40 -26.65
C GLY A 19 4.14 -10.71 -27.31
N ASN A 20 2.84 -11.03 -27.33
CA ASN A 20 2.35 -12.25 -27.95
C ASN A 20 2.67 -12.31 -29.43
N ALA A 21 2.61 -11.15 -30.10
CA ALA A 21 2.95 -11.07 -31.52
C ALA A 21 4.42 -11.38 -31.75
N GLN A 22 5.28 -10.91 -30.85
CA GLN A 22 6.72 -11.19 -30.94
C GLN A 22 6.99 -12.67 -30.72
N TYR A 23 6.34 -13.25 -29.72
CA TYR A 23 6.59 -14.64 -29.32
C TYR A 23 6.23 -15.62 -30.44
N LYS A 24 5.15 -15.33 -31.15
CA LYS A 24 4.70 -16.17 -32.27
C LYS A 24 5.75 -16.31 -33.38
N LYS A 25 6.57 -15.27 -33.57
CA LYS A 25 7.59 -15.24 -34.62
C LYS A 25 8.93 -15.90 -34.26
N TYR A 26 9.17 -16.19 -32.98
CA TYR A 26 10.48 -16.67 -32.55
C TYR A 26 10.86 -18.03 -33.12
N GLY A 27 9.90 -18.96 -33.16
CA GLY A 27 10.16 -20.32 -33.59
C GLY A 27 11.15 -21.06 -32.70
N LEU A 28 10.98 -20.95 -31.40
CA LEU A 28 11.82 -21.66 -30.45
C LEU A 28 11.62 -23.17 -30.57
N SER A 29 12.71 -23.92 -30.38
CA SER A 29 12.66 -25.37 -30.39
C SER A 29 12.01 -25.89 -29.11
N LYS A 30 11.59 -27.15 -29.14
CA LYS A 30 10.99 -27.80 -27.97
C LYS A 30 11.91 -27.72 -26.75
N SER A 31 13.19 -27.99 -26.97
CA SER A 31 14.17 -27.99 -25.89
C SER A 31 14.45 -26.58 -25.37
N GLU A 32 14.44 -25.60 -26.27
CA GLU A 32 14.62 -24.21 -25.86
C GLU A 32 13.45 -23.75 -24.99
N LYS A 33 12.24 -24.14 -25.37
CA LYS A 33 11.06 -23.78 -24.60
C LYS A 33 11.09 -24.42 -23.22
N GLU A 34 11.50 -25.69 -23.15
CA GLU A 34 11.67 -26.39 -21.87
C GLU A 34 12.66 -25.67 -20.95
N ALA A 35 13.76 -25.18 -21.53
CA ALA A 35 14.79 -24.49 -20.78
C ALA A 35 14.26 -23.18 -20.20
N ILE A 36 13.47 -22.47 -21.00
CA ILE A 36 12.86 -21.19 -20.58
C ILE A 36 11.80 -21.39 -19.48
N VAL A 37 10.93 -22.40 -19.63
CA VAL A 37 9.93 -22.67 -18.59
C VAL A 37 10.62 -22.93 -17.26
N SER A 38 11.63 -23.80 -17.30
CA SER A 38 12.39 -24.15 -16.11
C SER A 38 13.10 -22.93 -15.53
N TYR A 39 13.68 -22.07 -16.39
CA TYR A 39 14.29 -20.83 -15.93
C TYR A 39 13.31 -20.01 -15.07
N THR A 40 12.06 -19.88 -15.48
CA THR A 40 11.11 -19.05 -14.72
C THR A 40 10.79 -19.66 -13.35
N LYS A 41 10.96 -20.98 -13.21
CA LYS A 41 10.78 -21.67 -11.93
C LYS A 41 12.02 -21.65 -11.03
N SER A 42 13.21 -21.45 -11.62
CA SER A 42 14.46 -21.62 -10.89
C SER A 42 15.49 -20.51 -11.14
N ALA A 43 15.02 -19.34 -11.56
CA ALA A 43 15.90 -18.24 -11.99
C ALA A 43 16.89 -17.80 -10.90
N SER A 44 16.41 -17.63 -9.67
CA SER A 44 17.28 -17.15 -8.59
C SER A 44 18.46 -18.09 -8.37
N GLU A 45 18.22 -19.39 -8.49
CA GLU A 45 19.24 -20.41 -8.31
C GLU A 45 20.24 -20.40 -9.47
N ILE A 46 19.72 -20.36 -10.70
CA ILE A 46 20.57 -20.33 -11.90
C ILE A 46 21.46 -19.09 -11.92
N ASN A 47 20.84 -17.94 -11.71
CA ASN A 47 21.56 -16.66 -11.72
C ASN A 47 22.54 -16.56 -10.57
N GLY A 48 22.18 -17.12 -9.41
CA GLY A 48 23.04 -17.13 -8.24
C GLY A 48 24.32 -17.92 -8.50
N LYS A 49 24.19 -19.06 -9.17
CA LYS A 49 25.37 -19.86 -9.54
C LYS A 49 26.23 -19.16 -10.60
N LEU A 50 25.60 -18.49 -11.56
CA LEU A 50 26.35 -17.73 -12.56
C LEU A 50 27.14 -16.58 -11.90
N ARG A 51 26.57 -15.95 -10.89
CA ARG A 51 27.25 -14.86 -10.18
C ARG A 51 28.41 -15.37 -9.34
N GLN A 52 28.19 -16.50 -8.66
CA GLN A 52 29.17 -17.10 -7.76
C GLN A 52 30.42 -17.52 -8.51
N ASN A 53 30.22 -17.98 -9.74
CA ASN A 53 31.28 -18.55 -10.57
C ASN A 53 31.72 -17.61 -11.72
N LYS A 54 31.26 -16.36 -11.67
CA LYS A 54 31.60 -15.34 -12.67
C LYS A 54 31.40 -15.79 -14.12
N GLY A 55 30.29 -16.47 -14.37
CA GLY A 55 29.88 -16.86 -15.71
C GLY A 55 30.49 -18.15 -16.21
N VAL A 56 31.36 -18.76 -15.42
CA VAL A 56 32.00 -20.02 -15.80
C VAL A 56 31.09 -21.18 -15.41
N ILE A 57 30.64 -21.95 -16.41
CA ILE A 57 29.66 -23.02 -16.17
C ILE A 57 30.25 -24.44 -16.17
N ASN A 58 31.58 -24.53 -16.31
CA ASN A 58 32.25 -25.83 -16.45
C ASN A 58 31.97 -26.77 -15.29
N GLY A 59 31.86 -26.20 -14.09
CA GLY A 59 31.64 -26.96 -12.88
C GLY A 59 30.19 -27.26 -12.51
N PHE A 60 29.25 -26.78 -13.32
CA PHE A 60 27.82 -27.04 -13.12
C PHE A 60 27.49 -28.50 -13.47
N PRO A 61 26.42 -29.05 -12.90
CA PRO A 61 25.92 -30.36 -13.34
C PRO A 61 25.56 -30.34 -14.81
N SER A 62 25.72 -31.47 -15.51
CA SER A 62 25.54 -31.51 -16.96
C SER A 62 24.19 -30.98 -17.45
N ASN A 63 23.12 -31.21 -16.66
CA ASN A 63 21.78 -30.78 -17.06
C ASN A 63 21.67 -29.25 -17.02
N LEU A 64 22.37 -28.63 -16.08
CA LEU A 64 22.38 -27.18 -15.97
C LEU A 64 23.26 -26.54 -17.05
N ILE A 65 24.37 -27.18 -17.42
CA ILE A 65 25.17 -26.67 -18.56
C ILE A 65 24.28 -26.68 -19.80
N LYS A 66 23.54 -27.76 -20.01
CA LYS A 66 22.68 -27.90 -21.18
C LYS A 66 21.61 -26.81 -21.20
N GLN A 67 21.01 -26.55 -20.04
CA GLN A 67 19.95 -25.53 -19.94
C GLN A 67 20.52 -24.14 -20.26
N VAL A 68 21.67 -23.82 -19.69
CA VAL A 68 22.30 -22.51 -19.92
C VAL A 68 22.61 -22.35 -21.41
N GLU A 69 23.14 -23.39 -22.03
CA GLU A 69 23.42 -23.35 -23.48
C GLU A 69 22.17 -23.12 -24.32
N LEU A 70 21.05 -23.72 -23.92
CA LEU A 70 19.79 -23.55 -24.65
C LEU A 70 19.20 -22.16 -24.45
N LEU A 71 19.32 -21.63 -23.24
CA LEU A 71 18.89 -20.26 -22.96
C LEU A 71 19.70 -19.26 -23.82
N ASP A 72 21.01 -19.45 -23.87
CA ASP A 72 21.88 -18.59 -24.68
C ASP A 72 21.54 -18.67 -26.16
N LYS A 73 21.31 -19.90 -26.63
CA LYS A 73 20.99 -20.14 -28.05
C LYS A 73 19.66 -19.52 -28.44
N SER A 74 18.71 -19.47 -27.51
CA SER A 74 17.38 -18.95 -27.78
C SER A 74 17.45 -17.49 -28.24
N PHE A 75 18.44 -16.74 -27.78
CA PHE A 75 18.56 -15.33 -28.14
C PHE A 75 19.01 -15.09 -29.58
N ASN A 76 19.48 -16.12 -30.27
CA ASN A 76 19.63 -16.04 -31.72
C ASN A 76 18.30 -15.73 -32.43
N LYS A 77 17.19 -16.19 -31.84
CA LYS A 77 15.84 -16.01 -32.38
C LYS A 77 15.05 -14.85 -31.77
N MET A 78 15.50 -14.32 -30.63
CA MET A 78 14.72 -13.35 -29.85
C MET A 78 15.42 -12.00 -29.80
N LYS A 79 14.92 -11.08 -30.62
CA LYS A 79 15.41 -9.70 -30.65
C LYS A 79 14.22 -8.74 -30.59
N THR A 80 14.41 -7.58 -29.96
CA THR A 80 13.38 -6.56 -29.97
C THR A 80 13.41 -5.85 -31.32
N PRO A 81 12.24 -5.61 -31.91
CA PRO A 81 12.15 -4.90 -33.20
C PRO A 81 12.22 -3.38 -33.10
N GLU A 82 12.22 -2.84 -31.88
CA GLU A 82 12.26 -1.40 -31.67
C GLU A 82 12.98 -1.05 -30.37
N ASN A 83 13.37 0.21 -30.25
CA ASN A 83 13.81 0.78 -28.97
C ASN A 83 12.68 0.60 -27.97
N ILE A 84 12.98 0.01 -26.82
CA ILE A 84 11.96 -0.29 -25.81
C ILE A 84 12.48 -0.05 -24.39
N MET A 85 11.58 0.40 -23.51
CA MET A 85 11.86 0.52 -22.07
C MET A 85 11.37 -0.74 -21.37
N LEU A 86 12.21 -1.29 -20.50
CA LEU A 86 11.87 -2.46 -19.69
C LEU A 86 12.06 -2.14 -18.21
N PHE A 87 11.35 -2.86 -17.35
CA PHE A 87 11.30 -2.54 -15.92
C PHE A 87 11.70 -3.72 -15.05
N ARG A 88 12.33 -3.42 -13.92
CA ARG A 88 12.80 -4.45 -13.03
C ARG A 88 12.74 -4.00 -11.58
N GLY A 89 12.34 -4.90 -10.68
CA GLY A 89 12.42 -4.67 -9.24
C GLY A 89 13.55 -5.46 -8.61
N ASP A 90 14.31 -4.83 -7.73
CA ASP A 90 15.41 -5.48 -6.99
C ASP A 90 15.31 -5.23 -5.49
N ASP A 91 15.82 -6.18 -4.71
CA ASP A 91 15.96 -6.01 -3.25
C ASP A 91 17.32 -5.40 -2.92
N PRO A 92 17.57 -5.02 -1.66
CA PRO A 92 18.77 -4.25 -1.31
C PRO A 92 20.12 -4.90 -1.66
N ALA A 93 20.22 -6.23 -1.61
CA ALA A 93 21.46 -6.94 -1.91
C ALA A 93 21.96 -6.70 -3.34
N TYR A 94 21.06 -6.28 -4.23
CA TYR A 94 21.43 -5.88 -5.58
C TYR A 94 22.55 -4.84 -5.57
N LEU A 95 22.51 -3.92 -4.60
CA LEU A 95 23.50 -2.85 -4.51
C LEU A 95 24.82 -3.26 -3.85
N GLY A 96 24.85 -4.41 -3.18
CA GLY A 96 26.02 -4.88 -2.45
C GLY A 96 25.65 -5.40 -1.07
N THR A 97 26.55 -6.19 -0.47
CA THR A 97 26.32 -6.76 0.86
C THR A 97 26.11 -5.67 1.90
N GLU A 98 26.77 -4.54 1.70
CA GLU A 98 26.75 -3.44 2.65
C GLU A 98 25.38 -2.78 2.78
N PHE A 99 24.51 -3.01 1.79
CA PHE A 99 23.18 -2.40 1.74
C PHE A 99 22.05 -3.30 2.28
N GLN A 100 22.33 -4.58 2.47
CA GLN A 100 21.30 -5.54 2.90
C GLN A 100 20.50 -5.04 4.12
N ASN A 101 21.21 -4.53 5.11
CA ASN A 101 20.61 -4.13 6.39
C ASN A 101 20.75 -2.63 6.69
N THR A 102 21.06 -1.83 5.67
CA THR A 102 21.17 -0.37 5.83
C THR A 102 20.33 0.46 4.86
N LEU A 103 19.86 -0.14 3.77
CA LEU A 103 19.19 0.64 2.73
C LEU A 103 17.88 1.23 3.20
N LEU A 104 17.12 0.48 4.00
CA LEU A 104 15.80 0.89 4.46
C LEU A 104 15.81 1.32 5.92
N ASN A 105 15.14 2.45 6.20
CA ASN A 105 14.82 2.89 7.54
C ASN A 105 13.68 2.06 8.14
N SER A 106 13.46 2.23 9.45
CA SER A 106 12.40 1.51 10.16
C SER A 106 11.01 1.87 9.63
N ASN A 107 10.84 3.11 9.19
CA ASN A 107 9.55 3.62 8.73
C ASN A 107 9.25 3.33 7.25
N GLY A 108 10.12 2.58 6.58
CA GLY A 108 9.92 2.17 5.21
C GLY A 108 10.55 3.08 4.16
N THR A 109 11.17 4.17 4.59
CA THR A 109 11.81 5.12 3.67
C THR A 109 13.23 4.66 3.39
N ILE A 110 13.76 5.01 2.22
CA ILE A 110 15.15 4.77 1.88
C ILE A 110 16.02 5.67 2.76
N ASN A 111 16.99 5.07 3.44
CA ASN A 111 17.97 5.83 4.20
C ASN A 111 18.82 6.69 3.27
N LYS A 112 18.88 7.99 3.54
CA LYS A 112 19.49 8.94 2.61
C LYS A 112 21.01 8.81 2.54
N THR A 113 21.64 8.43 3.66
CA THR A 113 23.07 8.17 3.68
C THR A 113 23.43 6.96 2.83
N ALA A 114 22.61 5.91 2.92
CA ALA A 114 22.81 4.71 2.11
C ALA A 114 22.58 5.04 0.63
N PHE A 115 21.63 5.92 0.35
CA PHE A 115 21.31 6.32 -1.01
C PHE A 115 22.50 7.05 -1.63
N GLU A 116 23.14 7.93 -0.87
CA GLU A 116 24.28 8.69 -1.40
C GLU A 116 25.47 7.75 -1.66
N LYS A 117 25.62 6.73 -0.82
CA LYS A 117 26.68 5.74 -1.00
C LYS A 117 26.43 4.92 -2.27
N ALA A 118 25.16 4.59 -2.49
CA ALA A 118 24.77 3.85 -3.70
C ALA A 118 25.03 4.66 -4.98
N LYS A 119 24.78 5.96 -4.93
CA LYS A 119 25.05 6.85 -6.06
C LYS A 119 26.55 6.96 -6.32
N ALA A 120 27.33 7.10 -5.25
CA ALA A 120 28.77 7.19 -5.35
C ALA A 120 29.35 5.92 -5.98
N LYS A 121 28.70 4.79 -5.71
CA LYS A 121 29.18 3.49 -6.13
C LYS A 121 28.83 3.18 -7.59
N PHE A 122 27.65 3.62 -8.04
CA PHE A 122 27.09 3.17 -9.32
C PHE A 122 26.77 4.23 -10.39
N LEU A 123 26.56 5.49 -10.00
CA LEU A 123 26.11 6.52 -10.95
C LEU A 123 27.17 6.84 -12.02
N ASN A 124 26.72 6.89 -13.27
CA ASN A 124 27.56 7.11 -14.45
C ASN A 124 28.68 6.07 -14.61
N LYS A 125 28.36 4.82 -14.28
CA LYS A 125 29.31 3.72 -14.43
C LYS A 125 28.66 2.50 -15.06
N ASP A 126 29.49 1.71 -15.74
CA ASP A 126 29.06 0.43 -16.29
C ASP A 126 28.92 -0.61 -15.18
N ARG A 127 27.98 -1.53 -15.37
CA ARG A 127 27.79 -2.66 -14.49
C ARG A 127 27.61 -3.91 -15.34
N LEU A 128 28.32 -4.97 -14.98
CA LEU A 128 28.23 -6.25 -15.68
C LEU A 128 27.43 -7.21 -14.80
N GLU A 129 26.46 -7.87 -15.41
CA GLU A 129 25.64 -8.87 -14.73
C GLU A 129 25.92 -10.27 -15.28
N TYR A 130 26.38 -11.17 -14.43
CA TYR A 130 26.66 -12.55 -14.84
C TYR A 130 25.40 -13.39 -15.06
N GLY A 131 24.33 -13.11 -14.30
CA GLY A 131 23.07 -13.81 -14.52
C GLY A 131 22.29 -13.28 -15.71
N TYR A 132 21.23 -13.98 -16.08
CA TYR A 132 20.23 -13.45 -17.01
C TYR A 132 19.51 -12.34 -16.29
N ILE A 133 18.95 -11.40 -17.04
CA ILE A 133 18.15 -10.33 -16.44
C ILE A 133 16.68 -10.46 -16.83
N SER A 134 15.86 -10.83 -15.83
CA SER A 134 14.40 -10.84 -15.97
C SER A 134 13.86 -9.42 -15.82
N THR A 135 13.06 -8.99 -16.78
CA THR A 135 12.41 -7.68 -16.76
C THR A 135 10.94 -7.84 -17.13
N SER A 136 10.20 -6.74 -17.07
CA SER A 136 8.79 -6.71 -17.43
C SER A 136 8.52 -5.55 -18.37
N LEU A 137 7.52 -5.69 -19.23
CA LEU A 137 7.13 -4.62 -20.16
C LEU A 137 6.54 -3.42 -19.43
N MET A 138 6.01 -3.65 -18.23
CA MET A 138 5.52 -2.59 -17.35
C MET A 138 5.91 -2.88 -15.92
N ASN A 139 5.72 -1.90 -15.03
CA ASN A 139 5.76 -2.15 -13.59
C ASN A 139 4.60 -3.08 -13.24
N VAL A 140 4.92 -4.30 -12.82
CA VAL A 140 3.91 -5.27 -12.40
C VAL A 140 3.92 -5.44 -10.88
N SER A 141 2.78 -5.84 -10.31
CA SER A 141 2.61 -5.90 -8.86
C SER A 141 3.54 -6.89 -8.15
N ALA A 142 3.93 -7.97 -8.82
CA ALA A 142 4.77 -8.98 -8.22
C ALA A 142 6.12 -8.39 -7.74
N PHE A 143 6.61 -7.38 -8.46
CA PHE A 143 7.93 -6.80 -8.19
C PHE A 143 7.97 -5.28 -7.99
N ALA A 144 6.86 -4.60 -8.22
CA ALA A 144 6.83 -3.13 -8.18
C ALA A 144 6.92 -2.56 -6.77
N GLY A 145 6.78 -3.42 -5.76
CA GLY A 145 6.91 -3.02 -4.36
C GLY A 145 8.31 -3.17 -3.78
N ARG A 146 9.24 -3.70 -4.58
CA ARG A 146 10.64 -3.81 -4.14
C ARG A 146 11.25 -2.41 -4.00
N PRO A 147 12.30 -2.27 -3.19
CA PRO A 147 12.88 -0.95 -2.91
C PRO A 147 13.66 -0.28 -4.04
N ILE A 148 14.06 -1.04 -5.06
CA ILE A 148 14.84 -0.50 -6.18
C ILE A 148 14.12 -0.84 -7.47
N ILE A 149 13.82 0.17 -8.27
CA ILE A 149 13.19 -0.01 -9.57
C ILE A 149 14.13 0.49 -10.65
N THR A 150 14.39 -0.34 -11.65
CA THR A 150 15.25 0.02 -12.77
C THR A 150 14.44 0.12 -14.06
N LYS A 151 14.69 1.18 -14.81
CA LYS A 151 14.13 1.37 -16.14
C LYS A 151 15.30 1.23 -17.12
N PHE A 152 15.25 0.19 -17.95
CA PHE A 152 16.31 -0.11 -18.91
C PHE A 152 15.95 0.40 -20.30
N LYS A 153 16.89 1.10 -20.94
CA LYS A 153 16.72 1.51 -22.33
C LYS A 153 17.40 0.48 -23.22
N VAL A 154 16.61 -0.25 -23.99
CA VAL A 154 17.08 -1.35 -24.82
C VAL A 154 16.88 -1.02 -26.30
N ALA A 155 17.98 -0.97 -27.05
CA ALA A 155 17.94 -0.52 -28.43
C ALA A 155 17.36 -1.56 -29.39
N LYS A 156 16.74 -1.07 -30.46
CA LYS A 156 16.29 -1.89 -31.57
C LYS A 156 17.38 -2.89 -31.98
N GLY A 157 16.98 -4.14 -32.18
CA GLY A 157 17.86 -5.21 -32.63
C GLY A 157 18.62 -5.93 -31.52
N SER A 158 18.45 -5.48 -30.29
CA SER A 158 19.13 -6.09 -29.15
C SER A 158 18.49 -7.42 -28.80
N LYS A 159 19.28 -8.32 -28.22
CA LYS A 159 18.78 -9.61 -27.75
C LYS A 159 17.83 -9.36 -26.58
N ALA A 160 16.60 -9.84 -26.73
CA ALA A 160 15.53 -9.65 -25.74
C ALA A 160 14.34 -10.50 -26.17
N GLY A 161 13.75 -11.24 -25.24
CA GLY A 161 12.67 -12.16 -25.58
C GLY A 161 11.48 -12.13 -24.64
N TYR A 162 10.29 -12.01 -25.20
CA TYR A 162 9.04 -12.05 -24.43
C TYR A 162 8.66 -13.49 -24.17
N ILE A 163 8.89 -13.93 -22.93
CA ILE A 163 8.67 -15.33 -22.54
C ILE A 163 7.43 -15.54 -21.68
N ASP A 164 6.67 -14.48 -21.43
CA ASP A 164 5.40 -14.55 -20.69
C ASP A 164 4.49 -15.73 -21.09
N PRO A 165 4.31 -15.99 -22.39
CA PRO A 165 3.40 -17.08 -22.81
C PRO A 165 3.74 -18.46 -22.25
N ILE A 166 5.00 -18.74 -21.98
CA ILE A 166 5.39 -20.03 -21.41
C ILE A 166 5.98 -19.95 -20.00
N SER A 167 5.88 -18.79 -19.36
CA SER A 167 6.31 -18.67 -17.96
C SER A 167 5.42 -19.52 -17.07
N ALA A 168 6.00 -19.99 -15.97
CA ALA A 168 5.26 -20.75 -14.96
C ALA A 168 4.38 -19.84 -14.08
N PHE A 169 4.59 -18.52 -14.18
CA PHE A 169 3.90 -17.54 -13.33
C PHE A 169 3.09 -16.53 -14.14
N ALA A 170 1.95 -16.13 -13.58
CA ALA A 170 1.04 -15.18 -14.21
C ALA A 170 1.36 -13.73 -13.84
N GLY A 171 0.99 -12.82 -14.74
CA GLY A 171 0.94 -11.40 -14.44
C GLY A 171 2.27 -10.66 -14.47
N GLN A 172 3.30 -11.27 -15.04
CA GLN A 172 4.65 -10.70 -14.95
C GLN A 172 5.15 -10.01 -16.23
N LEU A 173 4.49 -10.23 -17.37
CA LEU A 173 4.86 -9.59 -18.65
C LEU A 173 6.36 -9.68 -18.94
N GLU A 174 6.93 -10.86 -18.75
CA GLU A 174 8.38 -10.98 -18.67
C GLU A 174 9.08 -10.90 -20.03
N MET A 175 10.05 -9.99 -20.10
CA MET A 175 11.04 -9.93 -21.16
C MET A 175 12.40 -10.33 -20.59
N LEU A 176 12.99 -11.39 -21.12
CA LEU A 176 14.28 -11.86 -20.66
C LEU A 176 15.42 -11.28 -21.49
N LEU A 177 16.48 -10.86 -20.81
CA LEU A 177 17.71 -10.39 -21.44
C LEU A 177 18.84 -11.39 -21.19
N PRO A 178 19.79 -11.47 -22.12
CA PRO A 178 20.86 -12.47 -22.02
C PRO A 178 21.80 -12.27 -20.82
N ARG A 179 22.50 -13.32 -20.42
CA ARG A 179 23.50 -13.23 -19.38
C ARG A 179 24.78 -12.54 -19.89
N HIS A 180 25.61 -12.12 -18.94
CA HIS A 180 26.84 -11.36 -19.23
C HIS A 180 26.57 -10.04 -19.96
N SER A 181 25.42 -9.42 -19.67
CA SER A 181 25.08 -8.13 -20.25
C SER A 181 25.70 -7.01 -19.42
N THR A 182 26.12 -5.95 -20.09
CA THR A 182 26.60 -4.74 -19.42
C THR A 182 25.60 -3.62 -19.69
N TYR A 183 25.28 -2.85 -18.65
CA TYR A 183 24.49 -1.63 -18.81
C TYR A 183 25.17 -0.47 -18.10
N HIS A 184 24.88 0.74 -18.55
CA HIS A 184 25.43 1.94 -17.95
C HIS A 184 24.34 2.65 -17.15
N ILE A 185 24.59 2.90 -15.87
CA ILE A 185 23.62 3.61 -15.04
C ILE A 185 23.72 5.12 -15.31
N ASP A 186 22.68 5.68 -15.92
CA ASP A 186 22.65 7.08 -16.34
C ASP A 186 22.14 8.02 -15.25
N ASP A 187 21.15 7.57 -14.48
CA ASP A 187 20.52 8.39 -13.42
C ASP A 187 20.09 7.53 -12.23
N MET A 188 20.14 8.12 -11.04
CA MET A 188 19.63 7.49 -9.82
C MET A 188 18.96 8.58 -8.98
N ARG A 189 17.73 8.33 -8.56
CA ARG A 189 16.98 9.29 -7.73
C ARG A 189 16.03 8.58 -6.77
N LEU A 190 15.62 9.29 -5.72
CA LEU A 190 14.59 8.79 -4.81
C LEU A 190 13.22 9.06 -5.43
N SER A 191 12.30 8.11 -5.27
CA SER A 191 10.93 8.28 -5.73
C SER A 191 10.27 9.41 -4.94
N SER A 192 9.11 9.87 -5.42
CA SER A 192 8.42 11.02 -4.82
C SER A 192 8.05 10.80 -3.36
N ASP A 193 7.62 9.59 -3.02
CA ASP A 193 7.27 9.26 -1.64
C ASP A 193 8.48 8.81 -0.80
N GLY A 194 9.65 8.73 -1.41
CA GLY A 194 10.88 8.45 -0.70
C GLY A 194 11.08 7.00 -0.26
N LYS A 195 10.29 6.08 -0.82
CA LYS A 195 10.31 4.68 -0.40
C LYS A 195 11.10 3.77 -1.37
N GLN A 196 11.43 4.29 -2.55
CA GLN A 196 12.21 3.54 -3.55
C GLN A 196 13.33 4.37 -4.18
N ILE A 197 14.33 3.67 -4.70
CA ILE A 197 15.33 4.27 -5.58
C ILE A 197 14.94 3.92 -7.01
N ILE A 198 14.90 4.92 -7.87
CA ILE A 198 14.61 4.75 -9.29
C ILE A 198 15.92 4.88 -10.09
N ILE A 199 16.27 3.84 -10.83
CA ILE A 199 17.50 3.80 -11.63
C ILE A 199 17.13 3.82 -13.11
N THR A 200 17.80 4.67 -13.88
CA THR A 200 17.68 4.70 -15.33
C THR A 200 19.01 4.23 -15.91
N ALA A 201 18.96 3.25 -16.81
CA ALA A 201 20.17 2.64 -17.36
C ALA A 201 20.02 2.33 -18.84
N THR A 202 21.13 2.42 -19.58
CA THR A 202 21.17 2.08 -20.99
C THR A 202 21.83 0.72 -21.17
N MET A 203 21.09 -0.21 -21.77
CA MET A 203 21.59 -1.56 -22.00
C MET A 203 22.58 -1.59 -23.17
N MET A 204 23.68 -2.30 -22.97
CA MET A 204 24.69 -2.54 -24.00
C MET A 204 24.66 -4.03 -24.36
N GLY A 205 25.77 -4.54 -24.88
CA GLY A 205 25.86 -5.93 -25.33
C GLY A 205 26.39 -6.89 -24.28
N THR A 206 26.85 -8.05 -24.75
CA THR A 206 27.38 -9.08 -23.87
C THR A 206 28.89 -9.31 -24.06
N ALA A 207 29.55 -8.40 -24.78
CA ALA A 207 31.00 -8.49 -25.06
C ALA A 207 31.83 -8.80 -23.82
N THR B 5 9.25 9.75 32.83
CA THR B 5 10.49 10.29 32.19
C THR B 5 10.34 11.76 31.82
N TYR B 6 9.18 12.11 31.24
CA TYR B 6 8.92 13.46 30.78
C TYR B 6 8.10 14.26 31.80
N GLN B 7 8.59 15.44 32.15
CA GLN B 7 7.95 16.31 33.15
C GLN B 7 6.63 16.86 32.63
N GLU B 8 5.57 16.67 33.41
CA GLU B 8 4.26 17.23 33.08
C GLU B 8 3.87 18.21 34.17
N PHE B 9 3.89 19.50 33.82
CA PHE B 9 3.53 20.56 34.76
C PHE B 9 2.03 20.55 35.02
N THR B 10 1.64 20.49 36.29
CA THR B 10 0.24 20.42 36.68
C THR B 10 -0.29 21.71 37.31
N ASN B 11 0.59 22.67 37.57
CA ASN B 11 0.19 24.00 38.03
C ASN B 11 0.91 25.14 37.32
N ILE B 12 0.24 26.28 37.22
CA ILE B 12 0.67 27.41 36.40
C ILE B 12 1.93 28.08 36.92
N ASP B 13 2.03 28.29 38.22
CA ASP B 13 3.17 29.00 38.78
C ASP B 13 4.47 28.20 38.69
N GLN B 14 4.38 26.88 38.72
CA GLN B 14 5.56 26.03 38.56
C GLN B 14 6.04 26.11 37.12
N ALA B 15 5.11 26.06 36.17
CA ALA B 15 5.44 26.13 34.74
C ALA B 15 6.05 27.49 34.39
N LYS B 16 5.42 28.55 34.89
CA LYS B 16 5.90 29.92 34.68
C LYS B 16 7.31 30.10 35.24
N ALA B 17 7.54 29.58 36.44
CA ALA B 17 8.84 29.69 37.11
C ALA B 17 9.92 28.94 36.33
N TRP B 18 9.58 27.77 35.81
CA TRP B 18 10.51 26.97 35.02
C TRP B 18 10.84 27.67 33.70
N GLY B 19 9.82 28.21 33.04
CA GLY B 19 10.00 28.90 31.77
C GLY B 19 10.79 30.18 31.89
N ASN B 20 10.55 30.96 32.95
CA ASN B 20 11.29 32.19 33.19
C ASN B 20 12.77 31.91 33.43
N ALA B 21 13.05 30.82 34.14
CA ALA B 21 14.43 30.38 34.41
C ALA B 21 15.18 30.04 33.14
N GLN B 22 14.51 29.34 32.21
CA GLN B 22 15.11 29.02 30.93
C GLN B 22 15.36 30.28 30.12
N TYR B 23 14.42 31.21 30.14
CA TYR B 23 14.54 32.43 29.35
C TYR B 23 15.76 33.27 29.76
N LYS B 24 16.06 33.26 31.05
CA LYS B 24 17.19 34.03 31.58
C LYS B 24 18.53 33.54 30.99
N LYS B 25 18.61 32.24 30.75
CA LYS B 25 19.80 31.62 30.16
C LYS B 25 20.04 31.97 28.68
N TYR B 26 18.97 32.26 27.93
CA TYR B 26 19.06 32.38 26.47
C TYR B 26 20.09 33.39 25.97
N GLY B 27 19.90 34.65 26.36
CA GLY B 27 20.77 35.73 25.91
C GLY B 27 20.56 36.03 24.43
N LEU B 28 19.29 36.26 24.06
CA LEU B 28 18.93 36.56 22.67
C LEU B 28 19.29 37.99 22.32
N SER B 29 19.66 38.21 21.05
CA SER B 29 20.00 39.53 20.55
C SER B 29 18.73 40.33 20.27
N LYS B 30 18.90 41.63 20.07
CA LYS B 30 17.79 42.55 19.82
C LYS B 30 16.98 42.21 18.57
N SER B 31 17.68 41.93 17.48
CA SER B 31 17.03 41.57 16.21
C SER B 31 16.42 40.17 16.24
N GLU B 32 16.94 39.30 17.10
CA GLU B 32 16.37 37.96 17.30
C GLU B 32 15.01 38.05 18.01
N LYS B 33 14.90 38.96 18.98
CA LYS B 33 13.64 39.19 19.68
C LYS B 33 12.61 39.86 18.78
N GLU B 34 13.07 40.77 17.92
CA GLU B 34 12.21 41.43 16.94
C GLU B 34 11.66 40.42 15.94
N ALA B 35 12.46 39.41 15.62
CA ALA B 35 12.03 38.35 14.70
C ALA B 35 10.92 37.52 15.33
N ILE B 36 11.06 37.23 16.62
CA ILE B 36 10.09 36.40 17.34
C ILE B 36 8.77 37.15 17.52
N VAL B 37 8.83 38.44 17.83
CA VAL B 37 7.61 39.24 17.97
C VAL B 37 6.85 39.24 16.65
N SER B 38 7.58 39.51 15.56
CA SER B 38 7.00 39.53 14.22
C SER B 38 6.32 38.21 13.89
N TYR B 39 6.93 37.10 14.30
CA TYR B 39 6.38 35.78 14.03
C TYR B 39 5.10 35.53 14.82
N THR B 40 5.11 35.87 16.11
CA THR B 40 3.93 35.66 16.96
C THR B 40 2.73 36.48 16.50
N LYS B 41 3.00 37.65 15.91
CA LYS B 41 1.95 38.51 15.39
C LYS B 41 1.28 37.88 14.18
N SER B 42 2.08 37.26 13.32
CA SER B 42 1.58 36.60 12.11
C SER B 42 2.09 35.15 12.02
N ALA B 43 1.84 34.37 13.08
CA ALA B 43 2.34 32.99 13.16
C ALA B 43 1.65 32.07 12.16
N SER B 44 0.32 32.15 12.11
CA SER B 44 -0.48 31.28 11.24
C SER B 44 -0.21 31.53 9.75
N GLU B 45 0.09 32.77 9.38
CA GLU B 45 0.33 33.12 7.98
C GLU B 45 1.71 32.66 7.51
N ILE B 46 2.73 32.87 8.34
CA ILE B 46 4.10 32.49 8.02
C ILE B 46 4.26 30.97 7.92
N ASN B 47 3.55 30.23 8.78
CA ASN B 47 3.56 28.77 8.74
C ASN B 47 2.94 28.23 7.45
N GLY B 48 1.83 28.85 7.05
CA GLY B 48 1.15 28.49 5.81
C GLY B 48 1.99 28.67 4.56
N LYS B 49 2.92 29.63 4.59
CA LYS B 49 3.83 29.88 3.48
C LYS B 49 4.96 28.85 3.42
N LEU B 50 5.48 28.47 4.59
CA LEU B 50 6.54 27.47 4.69
C LEU B 50 6.09 26.09 4.20
N ARG B 51 4.82 25.76 4.45
CA ARG B 51 4.26 24.48 4.02
C ARG B 51 4.07 24.42 2.51
N GLN B 52 3.63 25.54 1.93
CA GLN B 52 3.39 25.65 0.49
C GLN B 52 4.63 25.36 -0.34
N ASN B 53 5.78 25.88 0.11
CA ASN B 53 7.04 25.76 -0.63
C ASN B 53 8.00 24.72 -0.07
N LYS B 54 7.57 23.94 0.92
CA LYS B 54 8.39 22.83 1.45
C LYS B 54 9.72 23.33 2.07
N GLY B 55 9.68 24.49 2.70
CA GLY B 55 10.81 24.98 3.47
C GLY B 55 11.96 25.57 2.65
N VAL B 56 11.71 25.94 1.41
CA VAL B 56 12.70 26.69 0.62
C VAL B 56 12.38 28.18 0.73
N ILE B 57 13.35 28.94 1.18
CA ILE B 57 13.15 30.32 1.61
C ILE B 57 13.15 31.33 0.46
N ASN B 58 13.78 30.96 -0.65
CA ASN B 58 13.95 31.86 -1.79
C ASN B 58 12.65 32.03 -2.57
N GLY B 59 12.14 33.26 -2.61
CA GLY B 59 10.84 33.56 -3.18
C GLY B 59 10.05 34.47 -2.27
N PHE B 60 10.34 34.39 -0.96
CA PHE B 60 9.71 35.25 0.03
C PHE B 60 10.35 36.64 -0.04
N PRO B 61 9.67 37.67 0.48
CA PRO B 61 10.26 39.02 0.56
C PRO B 61 11.52 39.03 1.42
N SER B 62 12.40 40.01 1.19
CA SER B 62 13.66 40.12 1.93
C SER B 62 13.46 40.33 3.43
N ASN B 63 12.31 40.88 3.81
CA ASN B 63 11.97 41.08 5.22
C ASN B 63 11.64 39.75 5.91
N LEU B 64 10.87 38.90 5.23
CA LEU B 64 10.48 37.59 5.77
C LEU B 64 11.61 36.56 5.71
N ILE B 65 12.59 36.76 4.83
CA ILE B 65 13.73 35.86 4.74
C ILE B 65 14.70 36.13 5.90
N LYS B 66 14.84 37.40 6.27
CA LYS B 66 15.68 37.79 7.40
C LYS B 66 15.05 37.36 8.73
N GLN B 67 13.72 37.41 8.79
CA GLN B 67 12.98 37.03 10.00
C GLN B 67 13.12 35.52 10.27
N VAL B 68 12.99 34.72 9.22
CA VAL B 68 13.10 33.26 9.32
C VAL B 68 14.52 32.83 9.66
N GLU B 69 15.51 33.55 9.15
CA GLU B 69 16.92 33.26 9.43
C GLU B 69 17.28 33.55 10.88
N LEU B 70 16.71 34.63 11.43
CA LEU B 70 16.95 35.04 12.81
C LEU B 70 16.23 34.10 13.78
N LEU B 71 15.09 33.59 13.36
CA LEU B 71 14.31 32.61 14.13
C LEU B 71 15.09 31.32 14.32
N ASP B 72 15.62 30.81 13.22
CA ASP B 72 16.40 29.57 13.22
C ASP B 72 17.64 29.70 14.09
N LYS B 73 18.33 30.84 13.97
CA LYS B 73 19.55 31.11 14.73
C LYS B 73 19.26 31.19 16.23
N SER B 74 18.10 31.72 16.58
CA SER B 74 17.71 31.86 17.99
C SER B 74 17.64 30.51 18.72
N PHE B 75 17.30 29.45 18.00
CA PHE B 75 17.18 28.11 18.60
C PHE B 75 18.52 27.48 19.03
N ASN B 76 19.63 28.01 18.56
CA ASN B 76 20.94 27.59 19.05
C ASN B 76 21.15 27.93 20.53
N LYS B 77 20.47 28.97 21.00
CA LYS B 77 20.52 29.38 22.41
C LYS B 77 19.31 28.91 23.23
N MET B 78 18.33 28.28 22.59
CA MET B 78 17.09 27.87 23.25
C MET B 78 16.89 26.35 23.22
N LYS B 79 17.21 25.70 24.34
CA LYS B 79 17.10 24.25 24.45
C LYS B 79 16.62 23.83 25.84
N THR B 80 15.75 22.83 25.89
CA THR B 80 15.23 22.33 27.16
C THR B 80 16.32 21.58 27.92
N PRO B 81 16.45 21.82 29.22
CA PRO B 81 17.43 21.12 30.06
C PRO B 81 16.95 19.77 30.55
N GLU B 82 15.70 19.40 30.27
CA GLU B 82 15.14 18.12 30.69
C GLU B 82 14.04 17.63 29.75
N ASN B 83 13.72 16.35 29.87
CA ASN B 83 12.56 15.76 29.21
C ASN B 83 11.29 16.49 29.68
N ILE B 84 10.51 17.04 28.74
CA ILE B 84 9.27 17.75 29.04
C ILE B 84 8.12 17.34 28.12
N MET B 85 6.90 17.46 28.65
CA MET B 85 5.66 17.26 27.90
C MET B 85 5.16 18.64 27.43
N LEU B 86 4.80 18.73 26.14
CA LEU B 86 4.20 19.94 25.59
C LEU B 86 2.85 19.59 24.95
N PHE B 87 1.99 20.58 24.83
CA PHE B 87 0.60 20.39 24.39
C PHE B 87 0.22 21.36 23.27
N ARG B 88 -0.61 20.88 22.34
CA ARG B 88 -0.99 21.63 21.16
C ARG B 88 -2.43 21.36 20.74
N GLY B 89 -3.16 22.40 20.33
CA GLY B 89 -4.49 22.25 19.75
C GLY B 89 -4.45 22.40 18.24
N ASP B 90 -5.32 21.67 17.55
CA ASP B 90 -5.40 21.70 16.09
C ASP B 90 -6.85 21.54 15.61
N ASP B 91 -7.13 22.07 14.43
CA ASP B 91 -8.42 21.93 13.78
C ASP B 91 -8.34 20.82 12.74
N PRO B 92 -9.47 20.39 12.16
CA PRO B 92 -9.49 19.19 11.30
C PRO B 92 -8.51 19.17 10.13
N ALA B 93 -8.22 20.33 9.53
CA ALA B 93 -7.31 20.42 8.38
C ALA B 93 -5.90 19.89 8.67
N TYR B 94 -5.50 19.90 9.94
CA TYR B 94 -4.23 19.30 10.36
C TYR B 94 -4.07 17.85 9.91
N LEU B 95 -5.17 17.08 9.89
CA LEU B 95 -5.12 15.69 9.47
C LEU B 95 -5.11 15.49 7.95
N GLY B 96 -5.43 16.54 7.20
CA GLY B 96 -5.44 16.51 5.75
C GLY B 96 -6.70 17.10 5.15
N THR B 97 -6.66 17.39 3.85
CA THR B 97 -7.81 18.02 3.19
C THR B 97 -9.05 17.14 3.27
N GLU B 98 -8.84 15.82 3.29
CA GLU B 98 -9.93 14.86 3.33
C GLU B 98 -10.66 14.79 4.68
N PHE B 99 -10.08 15.41 5.71
CA PHE B 99 -10.69 15.49 7.04
C PHE B 99 -11.32 16.85 7.35
N GLN B 100 -11.01 17.86 6.54
CA GLN B 100 -11.52 19.22 6.76
C GLN B 100 -13.04 19.26 6.96
N ASN B 101 -13.76 18.51 6.14
CA ASN B 101 -15.23 18.54 6.10
C ASN B 101 -15.88 17.20 6.45
N THR B 102 -15.12 16.32 7.10
CA THR B 102 -15.63 15.01 7.53
C THR B 102 -15.40 14.66 9.01
N LEU B 103 -14.45 15.32 9.67
CA LEU B 103 -14.04 14.89 11.01
C LEU B 103 -15.14 15.07 12.06
N LEU B 104 -15.90 16.16 11.95
CA LEU B 104 -16.88 16.52 12.97
C LEU B 104 -18.31 16.22 12.52
N ASN B 105 -19.06 15.56 13.40
CA ASN B 105 -20.52 15.48 13.28
C ASN B 105 -21.12 16.84 13.63
N SER B 106 -22.35 17.08 13.19
CA SER B 106 -23.00 18.36 13.47
C SER B 106 -23.27 18.58 14.97
N ASN B 107 -23.40 17.49 15.72
CA ASN B 107 -23.64 17.57 17.17
C ASN B 107 -22.39 17.82 18.02
N GLY B 108 -21.24 18.00 17.35
CA GLY B 108 -20.01 18.35 18.03
C GLY B 108 -19.09 17.18 18.35
N THR B 109 -19.55 15.95 18.16
CA THR B 109 -18.71 14.78 18.44
C THR B 109 -17.89 14.43 17.21
N ILE B 110 -16.75 13.78 17.44
CA ILE B 110 -15.89 13.28 16.38
C ILE B 110 -16.60 12.14 15.67
N ASN B 111 -16.67 12.20 14.34
CA ASN B 111 -17.21 11.11 13.54
C ASN B 111 -16.33 9.88 13.68
N LYS B 112 -16.93 8.75 14.06
CA LYS B 112 -16.16 7.57 14.45
C LYS B 112 -15.46 6.94 13.25
N THR B 113 -16.08 6.98 12.08
CA THR B 113 -15.48 6.45 10.87
C THR B 113 -14.27 7.30 10.46
N ALA B 114 -14.43 8.63 10.54
CA ALA B 114 -13.35 9.55 10.22
C ALA B 114 -12.17 9.36 11.17
N PHE B 115 -12.48 9.12 12.45
CA PHE B 115 -11.46 8.83 13.45
C PHE B 115 -10.67 7.58 13.09
N GLU B 116 -11.36 6.53 12.65
CA GLU B 116 -10.68 5.29 12.29
C GLU B 116 -9.78 5.50 11.06
N LYS B 117 -10.22 6.35 10.14
CA LYS B 117 -9.43 6.66 8.94
C LYS B 117 -8.18 7.45 9.33
N ALA B 118 -8.33 8.38 10.28
CA ALA B 118 -7.21 9.19 10.76
C ALA B 118 -6.15 8.32 11.45
N LYS B 119 -6.61 7.34 12.23
CA LYS B 119 -5.69 6.41 12.88
C LYS B 119 -4.92 5.59 11.86
N ALA B 120 -5.62 5.12 10.84
CA ALA B 120 -4.97 4.34 9.79
C ALA B 120 -3.89 5.16 9.08
N LYS B 121 -4.15 6.46 8.93
CA LYS B 121 -3.22 7.34 8.22
C LYS B 121 -1.97 7.65 9.03
N PHE B 122 -2.11 7.83 10.35
CA PHE B 122 -1.05 8.43 11.18
C PHE B 122 -0.47 7.56 12.29
N LEU B 123 -1.20 6.56 12.77
CA LEU B 123 -0.75 5.80 13.94
C LEU B 123 0.57 5.09 13.68
N ASN B 124 1.54 5.27 14.58
CA ASN B 124 2.88 4.68 14.46
C ASN B 124 3.63 5.13 13.20
N LYS B 125 3.33 6.34 12.74
CA LYS B 125 3.99 6.94 11.58
C LYS B 125 4.76 8.19 11.98
N ASP B 126 5.74 8.57 11.16
CA ASP B 126 6.46 9.83 11.32
C ASP B 126 5.79 10.93 10.51
N ARG B 127 5.92 12.16 11.00
CA ARG B 127 5.36 13.32 10.36
C ARG B 127 6.37 14.46 10.39
N LEU B 128 6.61 15.06 9.24
CA LEU B 128 7.50 16.21 9.10
C LEU B 128 6.67 17.50 8.97
N GLU B 129 7.02 18.51 9.78
CA GLU B 129 6.32 19.79 9.77
C GLU B 129 7.26 20.89 9.25
N TYR B 130 6.85 21.53 8.16
CA TYR B 130 7.67 22.58 7.53
C TYR B 130 7.60 23.89 8.30
N GLY B 131 6.46 24.16 8.92
CA GLY B 131 6.29 25.33 9.76
C GLY B 131 6.91 25.17 11.12
N TYR B 132 7.01 26.27 11.86
CA TYR B 132 7.35 26.22 13.28
C TYR B 132 6.15 25.64 14.02
N ILE B 133 6.38 25.06 15.20
CA ILE B 133 5.31 24.47 16.00
C ILE B 133 5.18 25.17 17.33
N SER B 134 4.07 25.87 17.53
CA SER B 134 3.75 26.47 18.83
C SER B 134 3.09 25.42 19.72
N THR B 135 3.44 25.45 21.00
CA THR B 135 2.87 24.53 21.99
C THR B 135 2.71 25.29 23.31
N SER B 136 2.19 24.60 24.32
CA SER B 136 2.13 25.13 25.68
C SER B 136 2.66 24.11 26.69
N LEU B 137 3.16 24.61 27.81
CA LEU B 137 3.63 23.75 28.90
C LEU B 137 2.49 22.99 29.61
N MET B 138 1.26 23.43 29.41
CA MET B 138 0.07 22.73 29.93
C MET B 138 -1.05 22.65 28.89
N ASN B 139 -2.05 21.83 29.17
CA ASN B 139 -3.22 21.71 28.32
C ASN B 139 -4.19 22.85 28.67
N VAL B 140 -3.88 24.03 28.12
CA VAL B 140 -4.50 25.29 28.55
C VAL B 140 -5.92 25.46 28.03
N SER B 141 -6.64 26.40 28.63
CA SER B 141 -8.06 26.63 28.33
C SER B 141 -8.32 27.01 26.86
N ALA B 142 -7.36 27.67 26.22
CA ALA B 142 -7.49 28.03 24.81
C ALA B 142 -7.65 26.82 23.87
N PHE B 143 -7.30 25.63 24.34
CA PHE B 143 -7.40 24.39 23.56
C PHE B 143 -8.73 23.63 23.69
N ALA B 144 -9.54 23.97 24.69
CA ALA B 144 -10.75 23.22 25.04
C ALA B 144 -11.70 23.00 23.86
N GLY B 145 -11.82 24.00 22.99
CA GLY B 145 -12.73 23.94 21.85
C GLY B 145 -12.15 23.28 20.61
N ARG B 146 -10.83 23.07 20.61
CA ARG B 146 -10.15 22.45 19.47
C ARG B 146 -10.42 20.94 19.44
N PRO B 147 -10.75 20.41 18.27
CA PRO B 147 -11.07 18.98 18.13
C PRO B 147 -9.88 18.01 18.22
N ILE B 148 -8.64 18.51 18.10
CA ILE B 148 -7.46 17.66 18.19
C ILE B 148 -6.49 18.24 19.20
N ILE B 149 -6.04 17.41 20.14
CA ILE B 149 -5.01 17.78 21.11
C ILE B 149 -3.83 16.84 20.93
N THR B 150 -2.64 17.41 20.78
CA THR B 150 -1.41 16.63 20.70
C THR B 150 -0.56 16.84 21.95
N LYS B 151 -0.09 15.73 22.53
CA LYS B 151 0.83 15.76 23.67
C LYS B 151 2.19 15.30 23.16
N PHE B 152 3.14 16.22 23.09
CA PHE B 152 4.49 15.94 22.59
C PHE B 152 5.47 15.57 23.70
N LYS B 153 6.24 14.51 23.50
CA LYS B 153 7.33 14.15 24.40
C LYS B 153 8.62 14.72 23.79
N VAL B 154 9.24 15.67 24.48
CA VAL B 154 10.38 16.42 23.96
C VAL B 154 11.59 16.14 24.85
N ALA B 155 12.63 15.54 24.26
CA ALA B 155 13.77 15.08 25.05
C ALA B 155 14.71 16.21 25.45
N LYS B 156 15.43 16.01 26.55
CA LYS B 156 16.47 16.92 27.00
C LYS B 156 17.45 17.22 25.87
N GLY B 157 17.82 18.50 25.75
CA GLY B 157 18.73 18.96 24.72
C GLY B 157 18.07 19.38 23.41
N SER B 158 16.77 19.11 23.27
CA SER B 158 16.04 19.45 22.06
C SER B 158 15.80 20.96 22.01
N LYS B 159 15.75 21.49 20.79
CA LYS B 159 15.44 22.90 20.58
C LYS B 159 13.99 23.20 20.98
N ALA B 160 13.85 24.15 21.91
CA ALA B 160 12.54 24.59 22.41
C ALA B 160 12.72 25.88 23.19
N GLY B 161 11.89 26.89 22.90
CA GLY B 161 12.04 28.21 23.51
C GLY B 161 10.80 28.74 24.21
N TYR B 162 10.97 29.23 25.44
CA TYR B 162 9.91 29.89 26.19
C TYR B 162 9.89 31.35 25.79
N ILE B 163 8.88 31.75 25.02
CA ILE B 163 8.85 33.09 24.43
C ILE B 163 7.81 34.04 25.04
N ASP B 164 7.20 33.66 26.16
CA ASP B 164 6.24 34.53 26.87
C ASP B 164 6.86 35.90 27.21
N PRO B 165 8.08 35.91 27.74
CA PRO B 165 8.74 37.19 28.07
C PRO B 165 9.09 38.07 26.86
N ILE B 166 9.06 37.51 25.65
CA ILE B 166 9.42 38.25 24.44
C ILE B 166 8.23 38.97 23.78
N SER B 167 7.05 38.36 23.84
CA SER B 167 5.91 38.85 23.06
C SER B 167 4.57 38.55 23.71
N ALA B 168 3.74 39.58 23.86
CA ALA B 168 2.39 39.43 24.40
C ALA B 168 1.45 38.72 23.43
N PHE B 169 1.86 38.60 22.17
CA PHE B 169 1.12 37.81 21.18
C PHE B 169 1.26 36.30 21.37
N ALA B 170 2.18 35.89 22.25
CA ALA B 170 2.38 34.49 22.58
C ALA B 170 1.16 33.93 23.31
N GLY B 171 0.94 32.62 23.16
CA GLY B 171 -0.07 31.91 23.91
C GLY B 171 0.36 31.70 25.34
N GLN B 172 -0.59 31.28 26.17
CA GLN B 172 -0.33 30.94 27.57
C GLN B 172 0.76 29.87 27.67
N LEU B 173 1.83 30.21 28.41
CA LEU B 173 2.97 29.32 28.66
C LEU B 173 3.52 28.71 27.37
N GLU B 174 3.68 29.52 26.33
CA GLU B 174 4.06 29.02 25.01
C GLU B 174 5.53 28.59 24.93
N MET B 175 5.75 27.41 24.38
CA MET B 175 7.07 26.94 23.97
C MET B 175 7.04 26.79 22.47
N LEU B 176 7.93 27.48 21.77
CA LEU B 176 8.03 27.38 20.31
C LEU B 176 9.08 26.35 19.93
N LEU B 177 8.76 25.52 18.93
CA LEU B 177 9.66 24.50 18.41
C LEU B 177 10.10 24.86 16.99
N PRO B 178 11.32 24.47 16.61
CA PRO B 178 11.89 24.87 15.32
C PRO B 178 11.18 24.28 14.12
N ARG B 179 11.30 24.93 12.96
CA ARG B 179 10.74 24.43 11.71
C ARG B 179 11.50 23.20 11.21
N HIS B 180 10.85 22.43 10.36
CA HIS B 180 11.39 21.17 9.83
C HIS B 180 11.64 20.11 10.91
N SER B 181 10.80 20.11 11.95
CA SER B 181 10.86 19.07 12.98
C SER B 181 10.06 17.85 12.53
N THR B 182 10.53 16.68 12.91
CA THR B 182 9.82 15.43 12.68
C THR B 182 9.40 14.84 14.01
N TYR B 183 8.18 14.33 14.09
CA TYR B 183 7.74 13.61 15.27
C TYR B 183 7.07 12.29 14.88
N HIS B 184 7.05 11.35 15.81
CA HIS B 184 6.46 10.03 15.61
C HIS B 184 5.16 9.94 16.42
N ILE B 185 4.06 9.61 15.76
CA ILE B 185 2.77 9.47 16.46
C ILE B 185 2.68 8.09 17.14
N ASP B 186 2.66 8.10 18.47
CA ASP B 186 2.67 6.88 19.29
C ASP B 186 1.29 6.31 19.55
N ASP B 187 0.32 7.18 19.83
CA ASP B 187 -1.04 6.78 20.21
C ASP B 187 -2.07 7.79 19.72
N MET B 188 -3.27 7.30 19.40
CA MET B 188 -4.42 8.15 19.06
C MET B 188 -5.68 7.56 19.69
N ARG B 189 -6.40 8.38 20.45
CA ARG B 189 -7.64 7.91 21.10
C ARG B 189 -8.70 9.01 21.15
N LEU B 190 -9.96 8.61 21.29
CA LEU B 190 -11.04 9.56 21.48
C LEU B 190 -11.14 9.91 22.95
N SER B 191 -11.41 11.17 23.24
CA SER B 191 -11.60 11.64 24.61
C SER B 191 -12.88 11.03 25.19
N SER B 192 -13.06 11.17 26.50
CA SER B 192 -14.17 10.52 27.20
C SER B 192 -15.55 11.04 26.78
N ASP B 193 -15.62 12.32 26.42
CA ASP B 193 -16.89 12.89 25.92
C ASP B 193 -17.04 12.74 24.40
N GLY B 194 -16.01 12.24 23.74
CA GLY B 194 -16.08 11.91 22.33
C GLY B 194 -15.96 13.10 21.40
N LYS B 195 -15.52 14.25 21.91
CA LYS B 195 -15.46 15.49 21.15
C LYS B 195 -14.03 15.87 20.73
N GLN B 196 -13.04 15.13 21.20
CA GLN B 196 -11.65 15.40 20.82
C GLN B 196 -10.91 14.11 20.48
N ILE B 197 -9.92 14.22 19.59
CA ILE B 197 -8.92 13.17 19.39
C ILE B 197 -7.69 13.61 20.17
N ILE B 198 -7.15 12.72 21.00
CA ILE B 198 -5.94 12.96 21.76
C ILE B 198 -4.78 12.18 21.13
N ILE B 199 -3.80 12.90 20.60
CA ILE B 199 -2.63 12.30 19.95
C ILE B 199 -1.44 12.39 20.90
N THR B 200 -0.71 11.29 21.07
CA THR B 200 0.54 11.30 21.82
C THR B 200 1.65 11.05 20.82
N ALA B 201 2.69 11.87 20.86
CA ALA B 201 3.77 11.80 19.88
C ALA B 201 5.11 12.09 20.51
N THR B 202 6.16 11.53 19.92
CA THR B 202 7.51 11.74 20.39
C THR B 202 8.25 12.62 19.41
N MET B 203 8.76 13.75 19.88
CA MET B 203 9.44 14.72 19.05
C MET B 203 10.86 14.27 18.77
N MET B 204 11.31 14.49 17.55
CA MET B 204 12.70 14.24 17.17
C MET B 204 13.26 15.54 16.58
N GLY B 205 14.48 15.48 16.06
CA GLY B 205 15.19 16.67 15.61
C GLY B 205 14.70 17.27 14.30
N THR B 206 15.49 18.19 13.76
CA THR B 206 15.20 18.86 12.50
C THR B 206 16.02 18.31 11.33
N ALA B 207 16.98 17.45 11.64
CA ALA B 207 17.88 16.90 10.63
C ALA B 207 17.74 15.38 10.56
N ILE B 208 16.52 14.93 10.32
CA ILE B 208 16.24 13.51 10.20
C ILE B 208 16.37 13.06 8.74
N ASN B 209 17.38 12.23 8.50
CA ASN B 209 17.65 11.68 7.18
C ASN B 209 18.08 10.21 7.28
N ASN C 4 -15.85 -3.84 5.74
CA ASN C 4 -16.89 -4.85 5.39
C ASN C 4 -17.18 -5.76 6.59
N THR C 5 -18.08 -6.73 6.40
CA THR C 5 -18.38 -7.71 7.45
C THR C 5 -17.68 -9.05 7.17
N TYR C 6 -17.09 -9.63 8.22
CA TYR C 6 -16.33 -10.88 8.11
C TYR C 6 -16.97 -11.95 9.00
N GLN C 7 -17.36 -13.07 8.40
CA GLN C 7 -17.99 -14.18 9.12
C GLN C 7 -17.06 -14.75 10.18
N GLU C 8 -17.57 -14.87 11.41
CA GLU C 8 -16.86 -15.54 12.47
C GLU C 8 -17.69 -16.71 12.99
N PHE C 9 -17.18 -17.92 12.81
CA PHE C 9 -17.89 -19.12 13.22
C PHE C 9 -17.93 -19.22 14.74
N THR C 10 -19.09 -19.60 15.26
CA THR C 10 -19.34 -19.64 16.71
C THR C 10 -19.44 -21.05 17.26
N ASN C 11 -19.47 -22.05 16.39
CA ASN C 11 -19.57 -23.44 16.82
C ASN C 11 -18.93 -24.40 15.84
N ILE C 12 -18.38 -25.48 16.39
CA ILE C 12 -17.62 -26.45 15.61
C ILE C 12 -18.47 -27.08 14.51
N ASP C 13 -19.72 -27.42 14.84
CA ASP C 13 -20.58 -28.12 13.90
C ASP C 13 -20.79 -27.35 12.61
N GLN C 14 -21.08 -26.06 12.72
CA GLN C 14 -21.32 -25.21 11.55
C GLN C 14 -20.00 -24.89 10.81
N ALA C 15 -18.92 -24.70 11.55
CA ALA C 15 -17.60 -24.51 10.94
C ALA C 15 -17.19 -25.71 10.09
N LYS C 16 -17.36 -26.92 10.64
CA LYS C 16 -17.03 -28.15 9.93
C LYS C 16 -17.87 -28.32 8.67
N ALA C 17 -19.17 -28.04 8.77
CA ALA C 17 -20.07 -28.19 7.63
C ALA C 17 -19.71 -27.21 6.51
N TRP C 18 -19.33 -25.99 6.89
CA TRP C 18 -18.92 -24.98 5.92
C TRP C 18 -17.63 -25.41 5.23
N GLY C 19 -16.67 -25.87 6.03
CA GLY C 19 -15.39 -26.32 5.51
C GLY C 19 -15.54 -27.48 4.55
N ASN C 20 -16.37 -28.46 4.90
CA ASN C 20 -16.61 -29.61 4.03
C ASN C 20 -17.26 -29.19 2.72
N ALA C 21 -18.14 -28.18 2.80
CA ALA C 21 -18.79 -27.63 1.61
C ALA C 21 -17.77 -26.97 0.68
N GLN C 22 -16.76 -26.30 1.24
CA GLN C 22 -15.71 -25.71 0.42
C GLN C 22 -14.85 -26.80 -0.19
N TYR C 23 -14.46 -27.77 0.61
CA TYR C 23 -13.56 -28.84 0.16
C TYR C 23 -14.08 -29.55 -1.10
N LYS C 24 -15.39 -29.74 -1.21
CA LYS C 24 -15.96 -30.40 -2.38
C LYS C 24 -15.84 -29.59 -3.68
N LYS C 25 -15.61 -28.29 -3.55
CA LYS C 25 -15.39 -27.42 -4.71
C LYS C 25 -13.96 -27.49 -5.29
N TYR C 26 -13.00 -28.02 -4.54
CA TYR C 26 -11.57 -27.85 -4.87
C TYR C 26 -11.08 -28.65 -6.09
N GLY C 27 -11.30 -29.96 -6.08
CA GLY C 27 -10.84 -30.83 -7.14
C GLY C 27 -9.32 -30.90 -7.26
N LEU C 28 -8.66 -31.06 -6.10
CA LEU C 28 -7.22 -31.19 -6.06
C LEU C 28 -6.74 -32.49 -6.72
N SER C 29 -5.55 -32.42 -7.33
CA SER C 29 -4.87 -33.59 -7.87
C SER C 29 -4.32 -34.44 -6.74
N LYS C 30 -4.07 -35.71 -7.03
CA LYS C 30 -3.41 -36.61 -6.07
C LYS C 30 -2.10 -36.04 -5.55
N SER C 31 -1.29 -35.48 -6.44
CA SER C 31 0.03 -34.98 -6.06
C SER C 31 -0.08 -33.72 -5.19
N GLU C 32 -1.11 -32.91 -5.44
CA GLU C 32 -1.40 -31.74 -4.61
C GLU C 32 -1.84 -32.14 -3.21
N LYS C 33 -2.72 -33.14 -3.11
CA LYS C 33 -3.12 -33.70 -1.82
C LYS C 33 -1.93 -34.26 -1.05
N GLU C 34 -1.05 -34.97 -1.75
CA GLU C 34 0.13 -35.57 -1.11
C GLU C 34 1.11 -34.50 -0.62
N ALA C 35 1.21 -33.39 -1.35
CA ALA C 35 2.00 -32.25 -0.94
C ALA C 35 1.45 -31.62 0.32
N ILE C 36 0.12 -31.52 0.42
CA ILE C 36 -0.50 -30.95 1.62
C ILE C 36 -0.30 -31.87 2.82
N VAL C 37 -0.44 -33.18 2.64
CA VAL C 37 -0.15 -34.14 3.71
C VAL C 37 1.28 -33.94 4.24
N SER C 38 2.23 -33.82 3.31
CA SER C 38 3.63 -33.61 3.66
C SER C 38 3.80 -32.35 4.50
N TYR C 39 3.13 -31.26 4.11
CA TYR C 39 3.17 -30.03 4.89
C TYR C 39 2.67 -30.27 6.32
N THR C 40 1.55 -30.98 6.46
CA THR C 40 0.95 -31.16 7.80
C THR C 40 1.84 -32.00 8.72
N LYS C 41 2.65 -32.87 8.14
CA LYS C 41 3.59 -33.69 8.92
C LYS C 41 4.81 -32.89 9.42
N SER C 42 5.25 -31.90 8.63
CA SER C 42 6.49 -31.18 8.93
C SER C 42 6.36 -29.67 8.78
N ALA C 43 5.22 -29.10 9.18
CA ALA C 43 4.93 -27.69 8.92
C ALA C 43 5.91 -26.73 9.58
N SER C 44 6.26 -27.00 10.83
CA SER C 44 7.18 -26.14 11.58
C SER C 44 8.56 -26.13 10.92
N GLU C 45 8.98 -27.29 10.44
CA GLU C 45 10.28 -27.47 9.81
C GLU C 45 10.33 -26.76 8.45
N ILE C 46 9.30 -26.97 7.63
CA ILE C 46 9.24 -26.38 6.29
C ILE C 46 9.15 -24.86 6.38
N ASN C 47 8.31 -24.35 7.27
CA ASN C 47 8.15 -22.91 7.45
C ASN C 47 9.43 -22.26 7.98
N GLY C 48 10.14 -22.98 8.84
CA GLY C 48 11.42 -22.52 9.36
C GLY C 48 12.45 -22.38 8.26
N LYS C 49 12.49 -23.36 7.36
CA LYS C 49 13.41 -23.34 6.23
C LYS C 49 13.10 -22.21 5.26
N LEU C 50 11.81 -21.91 5.09
CA LEU C 50 11.40 -20.82 4.21
C LEU C 50 11.79 -19.46 4.79
N ARG C 51 11.70 -19.31 6.11
CA ARG C 51 12.03 -18.05 6.78
C ARG C 51 13.54 -17.75 6.73
N GLN C 52 14.36 -18.80 6.83
CA GLN C 52 15.82 -18.64 6.85
C GLN C 52 16.38 -18.34 5.46
N ASN C 53 15.80 -18.99 4.45
CA ASN C 53 16.19 -18.78 3.05
C ASN C 53 15.52 -17.54 2.46
N LYS C 54 14.66 -16.88 3.25
CA LYS C 54 13.99 -15.63 2.87
C LYS C 54 13.08 -15.80 1.64
N GLY C 55 12.27 -16.86 1.66
CA GLY C 55 11.22 -17.05 0.68
C GLY C 55 11.64 -17.58 -0.67
N VAL C 56 12.89 -18.04 -0.80
CA VAL C 56 13.34 -18.70 -2.02
C VAL C 56 13.70 -20.15 -1.73
N ILE C 57 13.46 -21.01 -2.70
CA ILE C 57 13.62 -22.45 -2.53
C ILE C 57 14.99 -22.93 -3.04
N ASN C 58 15.94 -22.00 -3.15
CA ASN C 58 17.29 -22.32 -3.65
C ASN C 58 18.02 -23.30 -2.74
N GLY C 59 18.51 -24.38 -3.33
CA GLY C 59 19.29 -25.36 -2.58
C GLY C 59 18.50 -26.27 -1.65
N PHE C 60 17.17 -26.18 -1.70
CA PHE C 60 16.31 -27.11 -0.97
C PHE C 60 16.47 -28.48 -1.62
N PRO C 61 16.25 -29.56 -0.87
CA PRO C 61 16.26 -30.90 -1.47
C PRO C 61 15.22 -31.00 -2.58
N SER C 62 15.52 -31.78 -3.63
CA SER C 62 14.67 -31.85 -4.83
C SER C 62 13.22 -32.18 -4.50
N ASN C 63 13.01 -33.08 -3.54
CA ASN C 63 11.68 -33.51 -3.14
C ASN C 63 10.84 -32.40 -2.52
N LEU C 64 11.48 -31.58 -1.68
CA LEU C 64 10.80 -30.45 -1.04
C LEU C 64 10.49 -29.33 -2.02
N ILE C 65 11.34 -29.14 -3.03
CA ILE C 65 11.09 -28.12 -4.06
C ILE C 65 9.82 -28.45 -4.82
N LYS C 66 9.65 -29.73 -5.16
CA LYS C 66 8.48 -30.20 -5.88
C LYS C 66 7.23 -30.03 -5.03
N GLN C 67 7.33 -30.32 -3.74
CA GLN C 67 6.19 -30.20 -2.83
C GLN C 67 5.74 -28.75 -2.65
N VAL C 68 6.71 -27.84 -2.51
CA VAL C 68 6.44 -26.42 -2.34
C VAL C 68 5.74 -25.87 -3.58
N GLU C 69 6.23 -26.24 -4.76
CA GLU C 69 5.63 -25.79 -6.02
C GLU C 69 4.19 -26.30 -6.19
N LEU C 70 3.94 -27.53 -5.75
CA LEU C 70 2.60 -28.12 -5.82
C LEU C 70 1.66 -27.47 -4.81
N LEU C 71 2.17 -27.17 -3.62
CA LEU C 71 1.38 -26.50 -2.59
C LEU C 71 0.97 -25.12 -3.10
N ASP C 72 1.91 -24.40 -3.70
CA ASP C 72 1.64 -23.06 -4.23
C ASP C 72 0.55 -23.09 -5.31
N LYS C 73 0.66 -24.08 -6.21
CA LYS C 73 -0.30 -24.29 -7.28
C LYS C 73 -1.68 -24.64 -6.75
N SER C 74 -1.73 -25.36 -5.64
CA SER C 74 -2.99 -25.88 -5.14
C SER C 74 -3.93 -24.74 -4.71
N PHE C 75 -3.36 -23.59 -4.33
CA PHE C 75 -4.19 -22.45 -3.94
C PHE C 75 -4.99 -21.82 -5.07
N ASN C 76 -4.64 -22.10 -6.32
CA ASN C 76 -5.47 -21.67 -7.44
C ASN C 76 -6.88 -22.26 -7.39
N LYS C 77 -7.01 -23.42 -6.72
CA LYS C 77 -8.28 -24.14 -6.54
C LYS C 77 -8.98 -23.90 -5.20
N MET C 78 -8.33 -23.22 -4.26
CA MET C 78 -8.84 -23.07 -2.90
C MET C 78 -9.00 -21.61 -2.52
N LYS C 79 -10.21 -21.09 -2.70
CA LYS C 79 -10.54 -19.70 -2.42
C LYS C 79 -11.74 -19.62 -1.47
N THR C 80 -11.75 -18.65 -0.59
CA THR C 80 -12.92 -18.47 0.29
C THR C 80 -14.07 -17.83 -0.49
N PRO C 81 -15.30 -18.33 -0.29
CA PRO C 81 -16.47 -17.77 -0.97
C PRO C 81 -17.03 -16.50 -0.32
N GLU C 82 -16.50 -16.11 0.84
CA GLU C 82 -16.97 -14.94 1.56
C GLU C 82 -15.88 -14.35 2.43
N ASN C 83 -16.10 -13.12 2.89
CA ASN C 83 -15.25 -12.50 3.92
C ASN C 83 -15.32 -13.36 5.17
N ILE C 84 -14.17 -13.76 5.69
CA ILE C 84 -14.12 -14.60 6.90
C ILE C 84 -13.04 -14.14 7.86
N MET C 85 -13.25 -14.47 9.13
CA MET C 85 -12.26 -14.28 10.19
C MET C 85 -11.55 -15.61 10.44
N LEU C 86 -10.22 -15.57 10.49
CA LEU C 86 -9.39 -16.74 10.83
C LEU C 86 -8.51 -16.41 12.04
N PHE C 87 -8.08 -17.45 12.74
CA PHE C 87 -7.40 -17.32 14.03
C PHE C 87 -6.07 -18.06 14.05
N ARG C 88 -5.11 -17.49 14.78
CA ARG C 88 -3.80 -18.07 14.96
C ARG C 88 -3.26 -17.77 16.36
N GLY C 89 -2.56 -18.73 16.96
CA GLY C 89 -1.86 -18.52 18.21
C GLY C 89 -0.36 -18.57 17.97
N ASP C 90 0.39 -17.69 18.64
CA ASP C 90 1.83 -17.61 18.47
C ASP C 90 2.57 -17.46 19.79
N ASP C 91 3.81 -17.96 19.82
CA ASP C 91 4.68 -17.81 20.97
C ASP C 91 5.54 -16.54 20.79
N PRO C 92 6.25 -16.11 21.83
CA PRO C 92 6.97 -14.83 21.81
C PRO C 92 7.93 -14.59 20.63
N ALA C 93 8.54 -15.64 20.10
CA ALA C 93 9.54 -15.50 19.03
C ALA C 93 8.95 -15.01 17.70
N TYR C 94 7.64 -15.14 17.55
CA TYR C 94 6.92 -14.55 16.42
C TYR C 94 7.21 -13.05 16.27
N LEU C 95 7.31 -12.34 17.40
CA LEU C 95 7.63 -10.90 17.39
C LEU C 95 9.10 -10.58 17.11
N GLY C 96 9.96 -11.60 17.19
CA GLY C 96 11.39 -11.45 16.95
C GLY C 96 12.18 -12.17 18.04
N THR C 97 13.43 -12.51 17.74
CA THR C 97 14.29 -13.22 18.71
C THR C 97 14.53 -12.41 19.98
N GLU C 98 14.47 -11.08 19.86
CA GLU C 98 14.64 -10.17 21.00
C GLU C 98 13.50 -10.22 22.03
N PHE C 99 12.35 -10.80 21.65
CA PHE C 99 11.20 -10.92 22.53
C PHE C 99 11.08 -12.29 23.19
N GLN C 100 11.96 -13.22 22.81
CA GLN C 100 11.92 -14.61 23.29
C GLN C 100 11.77 -14.73 24.81
N ASN C 101 12.62 -14.01 25.55
CA ASN C 101 12.64 -14.07 27.01
C ASN C 101 12.22 -12.77 27.70
N THR C 102 11.72 -11.82 26.92
CA THR C 102 11.33 -10.50 27.43
C THR C 102 9.81 -10.33 27.52
N LEU C 103 9.07 -11.05 26.68
CA LEU C 103 7.64 -10.81 26.49
C LEU C 103 6.79 -11.08 27.73
N LEU C 104 7.21 -12.04 28.55
CA LEU C 104 6.41 -12.48 29.70
C LEU C 104 7.11 -12.24 31.04
N ASN C 105 6.30 -11.96 32.06
CA ASN C 105 6.75 -11.82 33.44
C ASN C 105 6.65 -13.14 34.19
N SER C 106 7.13 -13.15 35.43
CA SER C 106 6.88 -14.25 36.36
C SER C 106 5.51 -14.04 37.01
N ASN C 107 4.49 -14.63 36.40
CA ASN C 107 3.08 -14.38 36.75
C ASN C 107 2.18 -15.07 35.71
N GLY C 108 2.48 -14.85 34.44
CA GLY C 108 1.63 -15.27 33.34
C GLY C 108 1.26 -14.08 32.46
N THR C 109 1.30 -12.89 33.04
CA THR C 109 0.97 -11.65 32.34
C THR C 109 2.14 -11.20 31.46
N ILE C 110 1.83 -10.56 30.34
CA ILE C 110 2.85 -10.04 29.43
C ILE C 110 3.48 -8.75 29.99
N ASN C 111 4.82 -8.69 29.97
CA ASN C 111 5.55 -7.50 30.36
C ASN C 111 5.06 -6.27 29.62
N LYS C 112 4.78 -5.21 30.38
CA LYS C 112 4.19 -3.99 29.81
C LYS C 112 5.17 -3.23 28.92
N THR C 113 6.46 -3.27 29.26
CA THR C 113 7.49 -2.59 28.47
C THR C 113 7.79 -3.30 27.16
N ALA C 114 7.82 -4.63 27.19
CA ALA C 114 8.05 -5.43 25.98
C ALA C 114 6.90 -5.27 25.00
N PHE C 115 5.70 -5.08 25.53
CA PHE C 115 4.49 -4.87 24.72
C PHE C 115 4.57 -3.56 23.94
N GLU C 116 5.16 -2.54 24.56
CA GLU C 116 5.34 -1.24 23.90
C GLU C 116 6.35 -1.31 22.77
N LYS C 117 7.38 -2.14 22.94
CA LYS C 117 8.40 -2.34 21.90
C LYS C 117 7.80 -3.12 20.71
N ALA C 118 6.84 -3.99 21.00
CA ALA C 118 6.19 -4.81 19.96
C ALA C 118 5.29 -3.95 19.06
N LYS C 119 4.55 -3.03 19.68
CA LYS C 119 3.72 -2.07 18.95
C LYS C 119 4.56 -1.18 18.02
N ALA C 120 5.71 -0.72 18.50
CA ALA C 120 6.58 0.12 17.71
C ALA C 120 7.06 -0.60 16.46
N LYS C 121 7.39 -1.88 16.60
CA LYS C 121 7.91 -2.68 15.51
C LYS C 121 6.85 -3.01 14.45
N PHE C 122 5.60 -3.24 14.88
CA PHE C 122 4.59 -3.90 14.04
C PHE C 122 3.28 -3.14 13.79
N LEU C 123 2.88 -2.26 14.71
CA LEU C 123 1.56 -1.63 14.64
C LEU C 123 1.39 -0.73 13.43
N ASN C 124 0.24 -0.89 12.74
CA ASN C 124 -0.09 -0.14 11.54
C ASN C 124 0.96 -0.27 10.40
N LYS C 125 1.59 -1.45 10.32
CA LYS C 125 2.56 -1.75 9.28
C LYS C 125 2.24 -3.06 8.57
N ASP C 126 2.72 -3.19 7.34
CA ASP C 126 2.67 -4.45 6.60
C ASP C 126 3.71 -5.41 7.16
N ARG C 127 3.35 -6.69 7.21
CA ARG C 127 4.29 -7.76 7.57
C ARG C 127 4.25 -8.83 6.50
N LEU C 128 5.43 -9.29 6.08
CA LEU C 128 5.56 -10.33 5.06
C LEU C 128 5.98 -11.62 5.75
N GLU C 129 5.29 -12.71 5.42
CA GLU C 129 5.58 -14.02 5.98
C GLU C 129 6.09 -14.95 4.89
N TYR C 130 7.29 -15.49 5.08
CA TYR C 130 7.92 -16.33 4.08
C TYR C 130 7.35 -17.76 4.10
N GLY C 131 6.94 -18.21 5.28
CA GLY C 131 6.29 -19.50 5.41
C GLY C 131 4.83 -19.44 5.02
N TYR C 132 4.20 -20.62 4.94
CA TYR C 132 2.74 -20.72 4.85
C TYR C 132 2.17 -20.33 6.20
N ILE C 133 0.91 -19.87 6.22
CA ILE C 133 0.26 -19.54 7.49
C ILE C 133 -0.85 -20.53 7.82
N SER C 134 -0.63 -21.33 8.86
CA SER C 134 -1.68 -22.20 9.39
C SER C 134 -2.60 -21.39 10.29
N THR C 135 -3.89 -21.43 10.03
CA THR C 135 -4.88 -20.76 10.87
C THR C 135 -6.01 -21.73 11.16
N SER C 136 -7.00 -21.27 11.94
CA SER C 136 -8.20 -22.05 12.20
C SER C 136 -9.45 -21.20 12.05
N LEU C 137 -10.58 -21.85 11.78
CA LEU C 137 -11.87 -21.15 11.70
C LEU C 137 -12.35 -20.64 13.06
N MET C 138 -11.81 -21.20 14.14
CA MET C 138 -12.10 -20.74 15.50
C MET C 138 -10.79 -20.65 16.31
N ASN C 139 -10.87 -20.02 17.48
CA ASN C 139 -9.73 -19.95 18.40
C ASN C 139 -9.69 -21.26 19.19
N VAL C 140 -9.19 -22.30 18.55
CA VAL C 140 -9.26 -23.66 19.08
C VAL C 140 -8.28 -23.87 20.24
N SER C 141 -8.51 -24.93 21.02
CA SER C 141 -7.75 -25.20 22.24
C SER C 141 -6.23 -25.30 22.05
N ALA C 142 -5.79 -25.81 20.90
CA ALA C 142 -4.35 -25.92 20.58
C ALA C 142 -3.65 -24.56 20.55
N PHE C 143 -4.37 -23.53 20.11
CA PHE C 143 -3.88 -22.15 20.02
C PHE C 143 -4.05 -21.36 21.30
N ALA C 144 -5.12 -21.63 22.02
CA ALA C 144 -5.67 -20.71 23.00
C ALA C 144 -4.74 -20.37 24.16
N GLY C 145 -3.87 -21.33 24.53
CA GLY C 145 -2.91 -21.16 25.61
C GLY C 145 -1.63 -20.39 25.28
N ARG C 146 -1.46 -20.01 24.02
CA ARG C 146 -0.30 -19.22 23.60
C ARG C 146 -0.49 -17.74 23.94
N PRO C 147 0.61 -17.01 24.13
CA PRO C 147 0.55 -15.60 24.55
C PRO C 147 0.10 -14.58 23.49
N ILE C 148 0.14 -14.92 22.21
CA ILE C 148 -0.27 -13.99 21.15
C ILE C 148 -1.36 -14.63 20.30
N ILE C 149 -2.54 -14.01 20.25
CA ILE C 149 -3.62 -14.45 19.38
C ILE C 149 -3.81 -13.44 18.26
N THR C 150 -3.86 -13.90 17.02
CA THR C 150 -4.12 -13.04 15.86
C THR C 150 -5.46 -13.39 15.23
N LYS C 151 -6.23 -12.35 14.90
CA LYS C 151 -7.50 -12.46 14.18
C LYS C 151 -7.30 -11.83 12.80
N PHE C 152 -7.33 -12.66 11.76
CA PHE C 152 -7.11 -12.22 10.38
C PHE C 152 -8.43 -11.95 9.68
N LYS C 153 -8.53 -10.80 9.02
CA LYS C 153 -9.63 -10.48 8.14
C LYS C 153 -9.24 -10.89 6.73
N VAL C 154 -9.93 -11.89 6.20
CA VAL C 154 -9.61 -12.48 4.90
C VAL C 154 -10.79 -12.25 3.94
N ALA C 155 -10.52 -11.53 2.85
CA ALA C 155 -11.58 -11.10 1.94
C ALA C 155 -12.10 -12.22 1.05
N LYS C 156 -13.37 -12.12 0.67
CA LYS C 156 -13.94 -12.95 -0.37
C LYS C 156 -13.00 -13.06 -1.57
N GLY C 157 -12.82 -14.29 -2.04
CA GLY C 157 -12.01 -14.57 -3.23
C GLY C 157 -10.56 -14.83 -2.93
N SER C 158 -10.16 -14.71 -1.66
CA SER C 158 -8.77 -14.90 -1.26
C SER C 158 -8.38 -16.37 -1.23
N LYS C 159 -7.10 -16.64 -1.46
CA LYS C 159 -6.56 -17.98 -1.34
C LYS C 159 -6.56 -18.44 0.13
N ALA C 160 -7.24 -19.55 0.36
CA ALA C 160 -7.44 -20.12 1.70
C ALA C 160 -8.07 -21.49 1.52
N GLY C 161 -7.49 -22.51 2.14
CA GLY C 161 -7.97 -23.88 1.99
C GLY C 161 -8.26 -24.63 3.28
N TYR C 162 -9.43 -25.26 3.33
CA TYR C 162 -9.87 -26.10 4.44
C TYR C 162 -9.29 -27.49 4.24
N ILE C 163 -8.27 -27.85 5.02
CA ILE C 163 -7.44 -29.02 4.69
C ILE C 163 -7.70 -30.27 5.53
N ASP C 164 -8.63 -30.20 6.49
CA ASP C 164 -8.92 -31.37 7.32
C ASP C 164 -9.29 -32.63 6.51
N PRO C 165 -10.11 -32.50 5.47
CA PRO C 165 -10.47 -33.67 4.66
C PRO C 165 -9.31 -34.25 3.86
N ILE C 166 -8.21 -33.52 3.76
CA ILE C 166 -7.02 -33.95 3.03
C ILE C 166 -6.03 -34.73 3.89
N SER C 167 -5.94 -34.38 5.17
CA SER C 167 -4.92 -34.96 6.04
C SER C 167 -5.39 -35.02 7.50
N ALA C 168 -5.35 -36.22 8.07
CA ALA C 168 -5.68 -36.42 9.48
C ALA C 168 -4.68 -35.75 10.43
N PHE C 169 -3.55 -35.30 9.90
CA PHE C 169 -2.53 -34.61 10.69
C PHE C 169 -2.78 -33.10 10.78
N ALA C 170 -3.74 -32.60 10.00
CA ALA C 170 -4.14 -31.19 10.10
C ALA C 170 -4.72 -30.87 11.47
N GLY C 171 -4.61 -29.61 11.86
CA GLY C 171 -5.19 -29.14 13.09
C GLY C 171 -6.68 -28.99 13.00
N GLN C 172 -7.32 -28.81 14.14
CA GLN C 172 -8.76 -28.62 14.23
C GLN C 172 -9.22 -27.41 13.40
N LEU C 173 -10.11 -27.66 12.43
CA LEU C 173 -10.70 -26.62 11.58
C LEU C 173 -9.64 -25.77 10.89
N GLU C 174 -8.56 -26.42 10.43
CA GLU C 174 -7.42 -25.70 9.86
C GLU C 174 -7.72 -25.10 8.49
N MET C 175 -7.39 -23.81 8.33
CA MET C 175 -7.41 -23.12 7.04
C MET C 175 -5.99 -22.70 6.74
N LEU C 176 -5.42 -23.20 5.65
CA LEU C 176 -4.05 -22.88 5.27
C LEU C 176 -4.04 -21.73 4.28
N LEU C 177 -3.15 -20.77 4.50
CA LEU C 177 -2.95 -19.62 3.62
C LEU C 177 -1.60 -19.75 2.92
N PRO C 178 -1.49 -19.23 1.70
CA PRO C 178 -0.24 -19.36 0.91
C PRO C 178 0.98 -18.68 1.52
N ARG C 179 2.16 -19.13 1.12
CA ARG C 179 3.41 -18.51 1.56
C ARG C 179 3.64 -17.16 0.85
N HIS C 180 4.57 -16.38 1.39
CA HIS C 180 4.89 -15.05 0.86
C HIS C 180 3.66 -14.13 0.87
N SER C 181 2.83 -14.27 1.91
CA SER C 181 1.65 -13.43 2.09
C SER C 181 2.00 -12.21 2.92
N THR C 182 1.41 -11.08 2.55
CA THR C 182 1.51 -9.85 3.31
C THR C 182 0.19 -9.57 4.01
N TYR C 183 0.25 -9.17 5.27
CA TYR C 183 -0.92 -8.66 5.99
C TYR C 183 -0.58 -7.37 6.73
N HIS C 184 -1.59 -6.56 6.94
CA HIS C 184 -1.43 -5.29 7.64
C HIS C 184 -1.95 -5.42 9.05
N ILE C 185 -1.11 -5.11 10.03
CA ILE C 185 -1.51 -5.16 11.43
C ILE C 185 -2.25 -3.87 11.76
N ASP C 186 -3.55 -4.00 11.99
CA ASP C 186 -4.43 -2.87 12.23
C ASP C 186 -4.46 -2.44 13.70
N ASP C 187 -4.40 -3.41 14.61
CA ASP C 187 -4.52 -3.14 16.05
C ASP C 187 -3.73 -4.16 16.89
N MET C 188 -3.20 -3.69 18.03
CA MET C 188 -2.56 -4.56 19.00
C MET C 188 -2.95 -4.12 20.42
N ARG C 189 -3.52 -5.03 21.19
CA ARG C 189 -4.00 -4.72 22.54
C ARG C 189 -3.86 -5.90 23.50
N LEU C 190 -3.92 -5.62 24.81
CA LEU C 190 -3.87 -6.67 25.82
C LEU C 190 -5.27 -7.19 26.12
N SER C 191 -5.35 -8.46 26.51
CA SER C 191 -6.63 -9.11 26.83
C SER C 191 -7.15 -8.66 28.19
N SER C 192 -8.38 -9.06 28.52
CA SER C 192 -9.04 -8.70 29.78
C SER C 192 -8.11 -8.87 30.98
N ASP C 193 -7.79 -10.12 31.33
CA ASP C 193 -6.63 -10.40 32.17
C ASP C 193 -5.41 -10.18 31.27
N GLY C 194 -4.33 -9.63 31.83
CA GLY C 194 -3.23 -9.15 31.02
C GLY C 194 -2.23 -10.21 30.55
N LYS C 195 -2.71 -11.40 30.19
CA LYS C 195 -1.84 -12.51 29.83
C LYS C 195 -1.66 -12.82 28.35
N GLN C 196 -2.28 -12.02 27.47
CA GLN C 196 -2.21 -12.24 26.02
C GLN C 196 -2.21 -10.93 25.21
N ILE C 197 -1.47 -10.92 24.11
CA ILE C 197 -1.58 -9.85 23.11
C ILE C 197 -2.56 -10.31 22.03
N ILE C 198 -3.57 -9.50 21.75
CA ILE C 198 -4.53 -9.76 20.68
C ILE C 198 -4.24 -8.83 19.50
N ILE C 199 -3.95 -9.43 18.35
CA ILE C 199 -3.61 -8.69 17.14
C ILE C 199 -4.75 -8.82 16.16
N THR C 200 -5.18 -7.70 15.58
CA THR C 200 -6.15 -7.72 14.50
C THR C 200 -5.43 -7.29 13.23
N ALA C 201 -5.54 -8.10 12.18
CA ALA C 201 -4.81 -7.87 10.94
C ALA C 201 -5.67 -8.12 9.72
N THR C 202 -5.40 -7.40 8.64
CA THR C 202 -6.08 -7.57 7.37
C THR C 202 -5.15 -8.26 6.37
N MET C 203 -5.56 -9.43 5.90
CA MET C 203 -4.77 -10.22 4.95
C MET C 203 -4.82 -9.61 3.56
N MET C 204 -3.66 -9.53 2.93
CA MET C 204 -3.54 -9.05 1.57
C MET C 204 -2.99 -10.21 0.72
N GLY C 205 -2.35 -9.91 -0.41
CA GLY C 205 -2.03 -10.94 -1.37
C GLY C 205 -0.78 -11.76 -1.05
N THR C 206 -0.56 -12.77 -1.89
CA THR C 206 0.75 -13.40 -2.03
C THR C 206 1.31 -12.93 -3.36
N ALA C 207 2.65 -12.90 -3.47
CA ALA C 207 3.31 -12.60 -4.73
C ALA C 207 3.44 -13.85 -5.61
N ILE C 208 3.44 -15.02 -4.98
CA ILE C 208 3.54 -16.30 -5.67
C ILE C 208 2.22 -16.62 -6.38
N ASN C 209 2.19 -16.39 -7.69
CA ASN C 209 0.99 -16.59 -8.49
C ASN C 209 1.28 -17.48 -9.70
N PRO C 210 1.36 -18.79 -9.49
CA PRO C 210 1.52 -19.74 -10.58
C PRO C 210 0.31 -19.75 -11.52
N LYS C 211 0.57 -19.93 -12.81
CA LYS C 211 -0.50 -20.10 -13.80
C LYS C 211 -1.35 -21.33 -13.46
N ASN D 4 -5.93 3.16 -29.75
CA ASN D 4 -5.81 4.25 -28.74
C ASN D 4 -5.26 3.69 -27.43
N THR D 5 -4.30 4.41 -26.82
CA THR D 5 -3.64 3.97 -25.60
C THR D 5 -4.27 4.62 -24.37
N TYR D 6 -4.75 3.78 -23.45
CA TYR D 6 -5.36 4.25 -22.21
C TYR D 6 -4.50 3.80 -21.03
N GLN D 7 -3.92 4.75 -20.32
CA GLN D 7 -3.01 4.44 -19.22
C GLN D 7 -3.70 3.62 -18.12
N GLU D 8 -3.04 2.54 -17.75
CA GLU D 8 -3.48 1.64 -16.68
C GLU D 8 -2.44 1.71 -15.57
N PHE D 9 -2.85 2.20 -14.40
CA PHE D 9 -1.95 2.29 -13.25
C PHE D 9 -1.79 0.92 -12.59
N THR D 10 -0.55 0.58 -12.25
CA THR D 10 -0.23 -0.76 -11.72
C THR D 10 0.35 -0.75 -10.29
N ASN D 11 0.57 0.43 -9.73
CA ASN D 11 1.06 0.56 -8.36
C ASN D 11 0.22 1.58 -7.58
N ILE D 12 -0.15 1.25 -6.34
CA ILE D 12 -1.00 2.12 -5.52
C ILE D 12 -0.39 3.50 -5.35
N ASP D 13 0.90 3.57 -5.03
CA ASP D 13 1.57 4.83 -4.74
C ASP D 13 1.71 5.73 -5.97
N GLN D 14 1.90 5.12 -7.15
CA GLN D 14 2.02 5.88 -8.40
C GLN D 14 0.65 6.35 -8.90
N ALA D 15 -0.41 5.64 -8.50
CA ALA D 15 -1.78 6.07 -8.78
C ALA D 15 -2.16 7.26 -7.90
N LYS D 16 -1.72 7.21 -6.64
CA LYS D 16 -1.98 8.29 -5.69
C LYS D 16 -1.28 9.58 -6.11
N ALA D 17 -0.09 9.46 -6.68
CA ALA D 17 0.68 10.63 -7.11
C ALA D 17 -0.02 11.35 -8.26
N TRP D 18 -0.56 10.58 -9.20
CA TRP D 18 -1.26 11.13 -10.36
C TRP D 18 -2.57 11.82 -9.94
N GLY D 19 -3.33 11.18 -9.06
CA GLY D 19 -4.58 11.74 -8.58
C GLY D 19 -4.41 13.03 -7.82
N ASN D 20 -3.37 13.09 -6.99
CA ASN D 20 -3.09 14.29 -6.20
C ASN D 20 -2.69 15.47 -7.08
N ALA D 21 -2.04 15.17 -8.20
CA ALA D 21 -1.64 16.19 -9.17
C ALA D 21 -2.85 16.78 -9.89
N GLN D 22 -3.86 15.96 -10.16
CA GLN D 22 -5.10 16.43 -10.77
C GLN D 22 -5.91 17.26 -9.80
N TYR D 23 -5.97 16.80 -8.55
CA TYR D 23 -6.75 17.49 -7.52
C TYR D 23 -6.21 18.89 -7.25
N LYS D 24 -4.90 19.05 -7.37
CA LYS D 24 -4.24 20.36 -7.20
C LYS D 24 -4.82 21.43 -8.12
N LYS D 25 -5.29 21.02 -9.29
CA LYS D 25 -5.75 21.93 -10.34
C LYS D 25 -7.27 22.18 -10.37
N TYR D 26 -8.05 21.49 -9.55
CA TYR D 26 -9.51 21.57 -9.59
C TYR D 26 -10.04 22.94 -9.18
N GLY D 27 -9.62 23.39 -8.00
CA GLY D 27 -10.10 24.64 -7.42
C GLY D 27 -11.59 24.61 -7.11
N LEU D 28 -12.07 23.52 -6.49
CA LEU D 28 -13.47 23.39 -6.10
C LEU D 28 -13.81 24.36 -4.96
N SER D 29 -15.06 24.81 -4.93
CA SER D 29 -15.57 25.64 -3.85
C SER D 29 -15.89 24.78 -2.64
N LYS D 30 -16.11 25.42 -1.50
CA LYS D 30 -16.49 24.75 -0.26
C LYS D 30 -17.80 23.97 -0.42
N SER D 31 -18.78 24.60 -1.05
CA SER D 31 -20.08 23.98 -1.28
C SER D 31 -19.96 22.71 -2.13
N GLU D 32 -19.12 22.75 -3.16
CA GLU D 32 -18.91 21.62 -4.06
C GLU D 32 -18.22 20.45 -3.32
N LYS D 33 -17.29 20.77 -2.45
CA LYS D 33 -16.59 19.76 -1.65
C LYS D 33 -17.55 19.08 -0.69
N GLU D 34 -18.41 19.87 -0.03
CA GLU D 34 -19.40 19.35 0.90
C GLU D 34 -20.42 18.45 0.21
N ALA D 35 -20.75 18.79 -1.04
CA ALA D 35 -21.68 17.98 -1.84
C ALA D 35 -21.06 16.63 -2.18
N ILE D 36 -19.76 16.61 -2.43
CA ILE D 36 -19.03 15.38 -2.70
C ILE D 36 -18.89 14.53 -1.42
N VAL D 37 -18.66 15.17 -0.29
CA VAL D 37 -18.60 14.46 1.00
C VAL D 37 -19.93 13.75 1.27
N SER D 38 -21.02 14.45 1.02
CA SER D 38 -22.36 13.89 1.18
C SER D 38 -22.57 12.67 0.30
N TYR D 39 -22.13 12.75 -0.95
CA TYR D 39 -22.22 11.63 -1.89
C TYR D 39 -21.46 10.41 -1.36
N THR D 40 -20.26 10.60 -0.84
CA THR D 40 -19.45 9.47 -0.34
C THR D 40 -20.12 8.81 0.88
N LYS D 41 -20.93 9.57 1.60
CA LYS D 41 -21.71 9.05 2.73
C LYS D 41 -23.02 8.39 2.30
N SER D 42 -23.63 8.87 1.22
CA SER D 42 -24.99 8.49 0.84
C SER D 42 -25.16 8.18 -0.65
N ALA D 43 -24.17 7.51 -1.24
CA ALA D 43 -24.16 7.27 -2.69
C ALA D 43 -25.34 6.42 -3.15
N SER D 44 -25.60 5.32 -2.44
CA SER D 44 -26.66 4.38 -2.84
C SER D 44 -28.05 5.02 -2.78
N GLU D 45 -28.23 5.99 -1.87
CA GLU D 45 -29.49 6.69 -1.74
C GLU D 45 -29.76 7.72 -2.85
N ILE D 46 -28.73 8.47 -3.24
CA ILE D 46 -28.85 9.52 -4.25
C ILE D 46 -29.03 8.92 -5.65
N ASN D 47 -28.29 7.84 -5.91
CA ASN D 47 -28.31 7.16 -7.19
C ASN D 47 -29.60 6.39 -7.41
N GLY D 48 -30.15 5.84 -6.33
CA GLY D 48 -31.41 5.12 -6.39
C GLY D 48 -32.57 6.02 -6.76
N LYS D 49 -32.53 7.27 -6.29
CA LYS D 49 -33.58 8.23 -6.61
C LYS D 49 -33.43 8.74 -8.04
N LEU D 50 -32.19 8.85 -8.51
CA LEU D 50 -31.92 9.23 -9.90
C LEU D 50 -32.36 8.14 -10.88
N ARG D 51 -32.25 6.89 -10.46
CA ARG D 51 -32.64 5.74 -11.29
C ARG D 51 -34.16 5.61 -11.40
N GLN D 52 -34.85 5.80 -10.28
CA GLN D 52 -36.30 5.66 -10.22
C GLN D 52 -37.02 6.74 -11.02
N ASN D 53 -36.45 7.93 -11.06
CA ASN D 53 -37.06 9.08 -11.73
C ASN D 53 -36.43 9.39 -13.10
N LYS D 54 -35.53 8.53 -13.55
CA LYS D 54 -34.88 8.67 -14.86
C LYS D 54 -34.20 10.02 -15.06
N GLY D 55 -33.51 10.50 -14.02
CA GLY D 55 -32.67 11.68 -14.13
C GLY D 55 -33.39 13.00 -13.95
N VAL D 56 -34.71 12.95 -13.78
CA VAL D 56 -35.50 14.14 -13.52
C VAL D 56 -35.47 14.39 -12.01
N ILE D 57 -34.97 15.57 -11.62
CA ILE D 57 -34.81 15.90 -10.21
C ILE D 57 -35.89 16.88 -9.70
N ASN D 58 -36.91 17.12 -10.50
CA ASN D 58 -37.99 18.07 -10.15
C ASN D 58 -38.61 17.84 -8.77
N GLY D 59 -39.05 16.60 -8.52
CA GLY D 59 -39.75 16.24 -7.30
C GLY D 59 -38.88 15.77 -6.14
N PHE D 60 -37.57 16.02 -6.22
CA PHE D 60 -36.67 15.75 -5.10
C PHE D 60 -36.82 16.87 -4.08
N PRO D 61 -36.51 16.61 -2.81
CA PRO D 61 -36.48 17.67 -1.79
C PRO D 61 -35.46 18.76 -2.12
N SER D 62 -35.65 19.96 -1.59
CA SER D 62 -34.83 21.12 -1.92
C SER D 62 -33.34 20.90 -1.66
N ASN D 63 -33.01 20.22 -0.57
CA ASN D 63 -31.62 19.94 -0.22
C ASN D 63 -30.91 19.04 -1.24
N LEU D 64 -31.63 18.04 -1.75
CA LEU D 64 -31.07 17.11 -2.73
C LEU D 64 -30.87 17.74 -4.10
N ILE D 65 -31.70 18.75 -4.43
CA ILE D 65 -31.55 19.49 -5.69
C ILE D 65 -30.21 20.21 -5.67
N LYS D 66 -29.97 20.95 -4.59
CA LYS D 66 -28.73 21.70 -4.41
C LYS D 66 -27.51 20.79 -4.54
N GLN D 67 -27.58 19.61 -3.93
CA GLN D 67 -26.47 18.67 -3.94
C GLN D 67 -26.17 18.16 -5.35
N VAL D 68 -27.21 17.75 -6.07
CA VAL D 68 -27.05 17.24 -7.42
C VAL D 68 -26.48 18.30 -8.34
N GLU D 69 -26.99 19.53 -8.22
CA GLU D 69 -26.53 20.63 -9.07
C GLU D 69 -25.09 21.02 -8.77
N LEU D 70 -24.67 20.89 -7.51
CA LEU D 70 -23.29 21.16 -7.12
C LEU D 70 -22.35 20.07 -7.63
N LEU D 71 -22.76 18.81 -7.53
CA LEU D 71 -21.97 17.69 -8.04
C LEU D 71 -21.76 17.83 -9.55
N ASP D 72 -22.84 18.13 -10.28
CA ASP D 72 -22.78 18.36 -11.73
C ASP D 72 -21.81 19.48 -12.08
N LYS D 73 -21.88 20.57 -11.32
CA LYS D 73 -21.07 21.75 -11.55
C LYS D 73 -19.59 21.48 -11.30
N SER D 74 -19.30 20.64 -10.32
CA SER D 74 -17.93 20.34 -9.92
C SER D 74 -17.15 19.64 -11.05
N PHE D 75 -17.87 18.95 -11.95
CA PHE D 75 -17.23 18.25 -13.07
C PHE D 75 -16.69 19.16 -14.16
N ASN D 76 -17.14 20.42 -14.19
CA ASN D 76 -16.53 21.41 -15.09
C ASN D 76 -15.07 21.68 -14.75
N LYS D 77 -14.70 21.44 -13.48
CA LYS D 77 -13.34 21.64 -13.00
C LYS D 77 -12.53 20.35 -12.98
N MET D 78 -13.20 19.21 -13.09
CA MET D 78 -12.57 17.90 -12.94
C MET D 78 -12.58 17.12 -14.25
N LYS D 79 -11.49 17.21 -14.99
CA LYS D 79 -11.34 16.52 -16.26
C LYS D 79 -9.97 15.82 -16.32
N THR D 80 -9.92 14.68 -17.01
CA THR D 80 -8.68 13.92 -17.12
C THR D 80 -7.76 14.54 -18.18
N PRO D 81 -6.47 14.64 -17.89
CA PRO D 81 -5.52 15.22 -18.85
C PRO D 81 -5.03 14.24 -19.92
N GLU D 82 -5.44 12.97 -19.81
CA GLU D 82 -5.02 11.93 -20.74
C GLU D 82 -6.03 10.79 -20.78
N ASN D 83 -5.92 9.94 -21.80
CA ASN D 83 -6.68 8.69 -21.88
C ASN D 83 -6.31 7.81 -20.68
N ILE D 84 -7.31 7.32 -19.95
CA ILE D 84 -7.07 6.47 -18.77
C ILE D 84 -8.04 5.29 -18.70
N MET D 85 -7.61 4.22 -18.03
CA MET D 85 -8.47 3.09 -17.69
C MET D 85 -8.98 3.25 -16.27
N LEU D 86 -10.27 3.01 -16.06
CA LEU D 86 -10.87 2.97 -14.73
C LEU D 86 -11.55 1.63 -14.52
N PHE D 87 -11.78 1.26 -13.27
CA PHE D 87 -12.29 -0.07 -12.92
C PHE D 87 -13.50 -0.01 -12.00
N ARG D 88 -14.41 -0.97 -12.17
CA ARG D 88 -15.51 -1.21 -11.24
C ARG D 88 -15.64 -2.71 -11.01
N GLY D 89 -16.13 -3.09 -9.85
CA GLY D 89 -16.62 -4.44 -9.64
C GLY D 89 -18.10 -4.39 -9.34
N ASP D 90 -18.82 -5.42 -9.80
CA ASP D 90 -20.27 -5.48 -9.64
C ASP D 90 -20.74 -6.89 -9.30
N ASP D 91 -21.87 -6.95 -8.61
CA ASP D 91 -22.54 -8.20 -8.29
C ASP D 91 -23.56 -8.56 -9.39
N PRO D 92 -24.10 -9.78 -9.38
CA PRO D 92 -24.94 -10.25 -10.49
C PRO D 92 -26.15 -9.37 -10.84
N ALA D 93 -26.75 -8.70 -9.86
CA ALA D 93 -27.92 -7.85 -10.11
C ALA D 93 -27.64 -6.71 -11.09
N TYR D 94 -26.36 -6.32 -11.23
CA TYR D 94 -25.97 -5.36 -12.25
C TYR D 94 -26.49 -5.74 -13.64
N LEU D 95 -26.51 -7.03 -13.95
CA LEU D 95 -26.92 -7.52 -15.27
C LEU D 95 -28.45 -7.62 -15.44
N GLY D 96 -29.19 -7.54 -14.34
CA GLY D 96 -30.64 -7.63 -14.36
C GLY D 96 -31.16 -8.60 -13.31
N THR D 97 -32.45 -8.52 -12.99
CA THR D 97 -33.04 -9.39 -11.97
C THR D 97 -32.93 -10.86 -12.33
N GLU D 98 -32.94 -11.13 -13.64
CA GLU D 98 -32.89 -12.49 -14.16
C GLU D 98 -31.50 -13.14 -14.00
N PHE D 99 -30.51 -12.36 -13.61
CA PHE D 99 -29.16 -12.86 -13.36
C PHE D 99 -28.81 -12.95 -11.88
N GLN D 100 -29.59 -12.30 -11.02
CA GLN D 100 -29.29 -12.24 -9.59
C GLN D 100 -29.06 -13.62 -8.98
N ASN D 101 -29.91 -14.58 -9.36
CA ASN D 101 -29.89 -15.94 -8.80
C ASN D 101 -29.50 -17.03 -9.81
N THR D 102 -28.97 -16.62 -10.97
CA THR D 102 -28.57 -17.56 -12.02
C THR D 102 -27.12 -17.44 -12.48
N LEU D 103 -26.44 -16.33 -12.20
CA LEU D 103 -25.14 -16.08 -12.81
C LEU D 103 -24.07 -17.06 -12.36
N LEU D 104 -24.13 -17.46 -11.10
CA LEU D 104 -23.07 -18.28 -10.50
C LEU D 104 -23.49 -19.74 -10.33
N ASN D 105 -22.59 -20.64 -10.70
CA ASN D 105 -22.66 -22.04 -10.30
C ASN D 105 -22.35 -22.15 -8.81
N SER D 106 -22.73 -23.27 -8.21
CA SER D 106 -22.48 -23.51 -6.78
C SER D 106 -20.98 -23.51 -6.40
N ASN D 107 -20.11 -23.83 -7.36
CA ASN D 107 -18.66 -23.82 -7.13
C ASN D 107 -17.96 -22.48 -7.36
N GLY D 108 -18.76 -21.44 -7.65
CA GLY D 108 -18.24 -20.09 -7.79
C GLY D 108 -17.82 -19.69 -9.20
N THR D 109 -17.88 -20.62 -10.15
CA THR D 109 -17.60 -20.30 -11.55
C THR D 109 -18.83 -19.68 -12.19
N ILE D 110 -18.62 -18.85 -13.20
CA ILE D 110 -19.72 -18.26 -13.95
C ILE D 110 -20.43 -19.36 -14.73
N ASN D 111 -21.76 -19.43 -14.59
CA ASN D 111 -22.56 -20.37 -15.36
C ASN D 111 -22.48 -20.02 -16.84
N LYS D 112 -22.06 -21.00 -17.65
CA LYS D 112 -21.79 -20.78 -19.07
C LYS D 112 -23.03 -20.32 -19.84
N THR D 113 -24.18 -20.89 -19.51
CA THR D 113 -25.42 -20.50 -20.16
C THR D 113 -25.80 -19.07 -19.80
N ALA D 114 -25.76 -18.74 -18.51
CA ALA D 114 -26.03 -17.38 -18.05
C ALA D 114 -25.08 -16.37 -18.70
N PHE D 115 -23.82 -16.76 -18.90
CA PHE D 115 -22.84 -15.88 -19.53
C PHE D 115 -23.23 -15.58 -20.97
N GLU D 116 -23.63 -16.61 -21.70
CA GLU D 116 -24.08 -16.42 -23.08
C GLU D 116 -25.31 -15.51 -23.13
N LYS D 117 -26.21 -15.64 -22.17
CA LYS D 117 -27.40 -14.80 -22.11
C LYS D 117 -27.04 -13.35 -21.78
N ALA D 118 -26.05 -13.16 -20.91
CA ALA D 118 -25.57 -11.82 -20.57
C ALA D 118 -24.91 -11.14 -21.77
N LYS D 119 -24.19 -11.91 -22.58
CA LYS D 119 -23.59 -11.38 -23.81
C LYS D 119 -24.66 -10.97 -24.80
N ALA D 120 -25.66 -11.82 -24.99
CA ALA D 120 -26.77 -11.47 -25.87
C ALA D 120 -27.43 -10.16 -25.45
N LYS D 121 -27.54 -9.96 -24.14
CA LYS D 121 -28.21 -8.77 -23.62
C LYS D 121 -27.38 -7.50 -23.78
N PHE D 122 -26.06 -7.59 -23.60
CA PHE D 122 -25.20 -6.41 -23.42
C PHE D 122 -24.07 -6.19 -24.43
N LEU D 123 -23.61 -7.25 -25.08
CA LEU D 123 -22.42 -7.15 -25.94
C LEU D 123 -22.66 -6.21 -27.13
N ASN D 124 -21.71 -5.29 -27.34
CA ASN D 124 -21.80 -4.29 -28.41
C ASN D 124 -23.05 -3.42 -28.36
N LYS D 125 -23.49 -3.11 -27.13
CA LYS D 125 -24.64 -2.24 -26.89
C LYS D 125 -24.25 -1.07 -26.02
N ASP D 126 -24.98 0.03 -26.14
CA ASP D 126 -24.84 1.16 -25.22
C ASP D 126 -25.62 0.87 -23.93
N ARG D 127 -25.10 1.38 -22.82
CA ARG D 127 -25.77 1.34 -21.52
C ARG D 127 -25.73 2.73 -20.90
N LEU D 128 -26.91 3.21 -20.48
CA LEU D 128 -27.06 4.52 -19.85
C LEU D 128 -27.24 4.33 -18.35
N GLU D 129 -26.54 5.15 -17.56
CA GLU D 129 -26.64 5.13 -16.11
C GLU D 129 -27.12 6.47 -15.60
N TYR D 130 -28.26 6.48 -14.93
CA TYR D 130 -28.86 7.72 -14.44
C TYR D 130 -28.15 8.24 -13.21
N GLY D 131 -27.60 7.33 -12.40
CA GLY D 131 -26.80 7.71 -11.25
C GLY D 131 -25.41 8.14 -11.64
N TYR D 132 -24.65 8.63 -10.67
CA TYR D 132 -23.22 8.84 -10.83
C TYR D 132 -22.54 7.47 -10.82
N ILE D 133 -21.37 7.36 -11.44
CA ILE D 133 -20.61 6.11 -11.45
C ILE D 133 -19.33 6.26 -10.63
N SER D 134 -19.21 5.47 -9.56
CA SER D 134 -17.97 5.42 -8.78
C SER D 134 -17.06 4.33 -9.35
N THR D 135 -15.81 4.69 -9.65
CA THR D 135 -14.83 3.74 -10.16
C THR D 135 -13.57 3.90 -9.34
N SER D 136 -12.53 3.14 -9.70
CA SER D 136 -11.20 3.31 -9.11
C SER D 136 -10.13 3.32 -10.20
N LEU D 137 -8.98 3.91 -9.90
CA LEU D 137 -7.85 3.88 -10.83
C LEU D 137 -7.24 2.47 -10.94
N MET D 138 -7.52 1.59 -9.98
CA MET D 138 -7.07 0.21 -10.05
C MET D 138 -8.18 -0.77 -9.66
N ASN D 139 -7.95 -2.05 -9.91
CA ASN D 139 -8.85 -3.12 -9.45
C ASN D 139 -8.59 -3.39 -7.98
N VAL D 140 -9.07 -2.48 -7.13
CA VAL D 140 -8.74 -2.47 -5.71
C VAL D 140 -9.41 -3.60 -4.95
N SER D 141 -8.95 -3.83 -3.72
CA SER D 141 -9.42 -4.93 -2.88
C SER D 141 -10.94 -4.92 -2.68
N ALA D 142 -11.53 -3.73 -2.63
CA ALA D 142 -12.96 -3.59 -2.40
C ALA D 142 -13.82 -4.37 -3.40
N PHE D 143 -13.38 -4.47 -4.66
CA PHE D 143 -14.19 -5.22 -5.63
C PHE D 143 -13.56 -6.30 -6.49
N ALA D 144 -12.31 -6.66 -6.22
CA ALA D 144 -11.66 -7.75 -6.96
C ALA D 144 -12.31 -9.13 -6.70
N GLY D 145 -13.08 -9.26 -5.61
CA GLY D 145 -13.79 -10.49 -5.29
C GLY D 145 -15.22 -10.60 -5.84
N ARG D 146 -15.68 -9.52 -6.48
CA ARG D 146 -16.99 -9.50 -7.14
C ARG D 146 -16.92 -10.25 -8.47
N PRO D 147 -18.04 -10.83 -8.91
CA PRO D 147 -18.05 -11.67 -10.11
C PRO D 147 -17.96 -10.94 -11.46
N ILE D 148 -18.17 -9.63 -11.48
CA ILE D 148 -18.11 -8.86 -12.72
C ILE D 148 -17.11 -7.71 -12.55
N ILE D 149 -16.09 -7.66 -13.40
CA ILE D 149 -15.12 -6.57 -13.39
C ILE D 149 -15.23 -5.81 -14.71
N THR D 150 -15.44 -4.50 -14.64
CA THR D 150 -15.50 -3.66 -15.82
C THR D 150 -14.32 -2.72 -15.90
N LYS D 151 -13.70 -2.67 -17.08
CA LYS D 151 -12.61 -1.77 -17.39
C LYS D 151 -13.15 -0.73 -18.37
N PHE D 152 -13.25 0.53 -17.92
CA PHE D 152 -13.74 1.64 -18.72
C PHE D 152 -12.60 2.42 -19.37
N LYS D 153 -12.67 2.59 -20.68
CA LYS D 153 -11.75 3.46 -21.42
C LYS D 153 -12.29 4.89 -21.44
N VAL D 154 -11.59 5.81 -20.78
CA VAL D 154 -12.05 7.19 -20.61
C VAL D 154 -11.07 8.13 -21.32
N ALA D 155 -11.58 8.90 -22.27
CA ALA D 155 -10.74 9.72 -23.16
C ALA D 155 -10.24 11.00 -22.50
N LYS D 156 -9.08 11.46 -22.95
CA LYS D 156 -8.54 12.76 -22.57
C LYS D 156 -9.60 13.84 -22.70
N GLY D 157 -9.75 14.66 -21.65
CA GLY D 157 -10.72 15.75 -21.64
C GLY D 157 -12.07 15.41 -21.05
N SER D 158 -12.32 14.12 -20.78
CA SER D 158 -13.59 13.66 -20.21
C SER D 158 -13.73 14.08 -18.75
N LYS D 159 -14.96 14.26 -18.31
CA LYS D 159 -15.25 14.53 -16.90
C LYS D 159 -14.95 13.29 -16.05
N ALA D 160 -14.08 13.46 -15.05
CA ALA D 160 -13.69 12.40 -14.12
C ALA D 160 -12.90 13.03 -12.96
N GLY D 161 -13.29 12.72 -11.73
CA GLY D 161 -12.74 13.39 -10.57
C GLY D 161 -12.12 12.46 -9.54
N TYR D 162 -10.88 12.75 -9.17
CA TYR D 162 -10.17 12.05 -8.10
C TYR D 162 -10.58 12.66 -6.77
N ILE D 163 -11.41 11.96 -5.99
CA ILE D 163 -12.05 12.59 -4.82
C ILE D 163 -11.53 12.17 -3.44
N ASP D 164 -10.49 11.35 -3.39
CA ASP D 164 -9.89 10.97 -2.11
C ASP D 164 -9.45 12.17 -1.26
N PRO D 165 -8.84 13.20 -1.87
CA PRO D 165 -8.44 14.40 -1.12
C PRO D 165 -9.62 15.24 -0.61
N ILE D 166 -10.83 15.00 -1.11
CA ILE D 166 -12.03 15.71 -0.71
C ILE D 166 -12.74 15.06 0.50
N SER D 167 -12.71 13.72 0.58
CA SER D 167 -13.49 13.00 1.58
C SER D 167 -12.82 11.72 2.04
N ALA D 168 -12.65 11.60 3.35
CA ALA D 168 -12.06 10.40 3.94
C ALA D 168 -13.00 9.19 3.78
N PHE D 169 -14.27 9.44 3.47
CA PHE D 169 -15.25 8.38 3.22
C PHE D 169 -15.21 7.82 1.79
N ALA D 170 -14.42 8.45 0.92
CA ALA D 170 -14.22 7.93 -0.43
C ALA D 170 -13.51 6.59 -0.43
N GLY D 171 -13.77 5.78 -1.47
CA GLY D 171 -13.10 4.52 -1.67
C GLY D 171 -11.66 4.70 -2.13
N GLN D 172 -10.92 3.60 -2.14
CA GLN D 172 -9.51 3.61 -2.54
C GLN D 172 -9.33 4.04 -3.99
N LEU D 173 -8.53 5.09 -4.19
CA LEU D 173 -8.27 5.67 -5.50
C LEU D 173 -9.54 5.99 -6.31
N GLU D 174 -10.58 6.44 -5.62
CA GLU D 174 -11.89 6.63 -6.27
C GLU D 174 -11.89 7.73 -7.32
N MET D 175 -12.44 7.40 -8.50
CA MET D 175 -12.68 8.36 -9.57
C MET D 175 -14.18 8.39 -9.83
N LEU D 176 -14.81 9.53 -9.58
CA LEU D 176 -16.24 9.69 -9.79
C LEU D 176 -16.51 10.19 -11.21
N LEU D 177 -17.52 9.62 -11.85
CA LEU D 177 -17.96 10.03 -13.18
C LEU D 177 -19.33 10.68 -13.10
N PRO D 178 -19.64 11.59 -14.04
CA PRO D 178 -20.91 12.33 -14.01
C PRO D 178 -22.13 11.44 -14.23
N ARG D 179 -23.29 11.90 -13.76
CA ARG D 179 -24.54 11.19 -13.97
C ARG D 179 -25.00 11.30 -15.42
N HIS D 180 -25.89 10.39 -15.80
CA HIS D 180 -26.39 10.28 -17.17
C HIS D 180 -25.28 10.00 -18.19
N SER D 181 -24.29 9.22 -17.76
CA SER D 181 -23.22 8.78 -18.65
C SER D 181 -23.68 7.56 -19.45
N THR D 182 -23.27 7.51 -20.72
CA THR D 182 -23.44 6.32 -21.54
C THR D 182 -22.08 5.71 -21.84
N TYR D 183 -22.00 4.38 -21.74
CA TYR D 183 -20.80 3.66 -22.17
C TYR D 183 -21.20 2.53 -23.12
N HIS D 184 -20.26 2.16 -23.98
CA HIS D 184 -20.53 1.13 -24.97
C HIS D 184 -19.73 -0.11 -24.57
N ILE D 185 -20.40 -1.25 -24.47
CA ILE D 185 -19.74 -2.48 -24.07
C ILE D 185 -19.08 -3.09 -25.30
N ASP D 186 -17.75 -3.05 -25.34
CA ASP D 186 -16.95 -3.52 -26.48
C ASP D 186 -16.72 -5.02 -26.48
N ASP D 187 -16.46 -5.59 -25.30
CA ASP D 187 -16.28 -7.03 -25.19
C ASP D 187 -16.60 -7.57 -23.80
N MET D 188 -16.94 -8.85 -23.76
CA MET D 188 -17.21 -9.56 -22.53
C MET D 188 -16.60 -10.96 -22.66
N ARG D 189 -15.77 -11.33 -21.68
CA ARG D 189 -15.12 -12.64 -21.69
C ARG D 189 -14.96 -13.16 -20.27
N LEU D 190 -14.84 -14.47 -20.13
CA LEU D 190 -14.56 -15.08 -18.85
C LEU D 190 -13.08 -14.93 -18.51
N SER D 191 -12.79 -14.77 -17.23
CA SER D 191 -11.41 -14.71 -16.74
C SER D 191 -10.78 -16.09 -16.91
N SER D 192 -9.46 -16.16 -16.76
CA SER D 192 -8.73 -17.42 -16.95
C SER D 192 -9.26 -18.53 -16.05
N ASP D 193 -9.49 -18.21 -14.77
CA ASP D 193 -10.03 -19.20 -13.82
C ASP D 193 -11.56 -19.42 -13.95
N GLY D 194 -12.23 -18.55 -14.70
CA GLY D 194 -13.63 -18.74 -15.06
C GLY D 194 -14.59 -18.35 -13.95
N LYS D 195 -14.12 -17.56 -12.99
CA LYS D 195 -14.93 -17.12 -11.86
C LYS D 195 -15.41 -15.67 -11.97
N GLN D 196 -14.99 -14.97 -13.02
CA GLN D 196 -15.43 -13.58 -13.25
C GLN D 196 -15.75 -13.35 -14.73
N ILE D 197 -16.62 -12.39 -14.98
CA ILE D 197 -16.81 -11.84 -16.31
C ILE D 197 -16.02 -10.54 -16.36
N ILE D 198 -15.14 -10.42 -17.36
CA ILE D 198 -14.38 -9.22 -17.60
C ILE D 198 -15.00 -8.44 -18.76
N ILE D 199 -15.54 -7.26 -18.45
CA ILE D 199 -16.19 -6.39 -19.42
C ILE D 199 -15.25 -5.25 -19.79
N THR D 200 -15.04 -5.01 -21.08
CA THR D 200 -14.32 -3.80 -21.52
C THR D 200 -15.34 -2.87 -22.16
N ALA D 201 -15.35 -1.60 -21.72
CA ALA D 201 -16.30 -0.62 -22.22
C ALA D 201 -15.63 0.71 -22.54
N THR D 202 -16.20 1.46 -23.47
CA THR D 202 -15.72 2.79 -23.83
C THR D 202 -16.71 3.83 -23.30
N MET D 203 -16.22 4.71 -22.43
CA MET D 203 -17.05 5.78 -21.87
C MET D 203 -17.29 6.87 -22.91
N MET D 204 -18.50 7.42 -22.92
CA MET D 204 -18.94 8.32 -23.99
C MET D 204 -19.74 9.56 -23.54
N GLY D 205 -19.40 10.14 -22.41
CA GLY D 205 -20.02 11.41 -22.02
C GLY D 205 -21.51 11.34 -21.73
N THR D 206 -22.16 12.49 -21.62
CA THR D 206 -23.53 12.58 -21.09
C THR D 206 -24.65 12.83 -22.12
N ALA D 207 -24.31 12.82 -23.42
CA ALA D 207 -25.34 12.89 -24.47
C ALA D 207 -24.95 12.06 -25.70
PA NAD E . 17.44 -12.64 -9.76
O1A NAD E . 17.73 -11.63 -10.79
O2A NAD E . 18.31 -13.89 -9.92
O5B NAD E . 17.65 -11.96 -8.32
C5B NAD E . 17.45 -12.71 -7.13
C4B NAD E . 17.71 -11.79 -5.94
O4B NAD E . 19.05 -11.32 -5.98
C3B NAD E . 16.84 -10.55 -5.93
O3B NAD E . 16.53 -10.21 -4.59
C2B NAD E . 17.70 -9.49 -6.60
O2B NAD E . 17.37 -8.17 -6.23
C1B NAD E . 19.10 -9.92 -6.16
N9A NAD E . 20.16 -9.61 -7.14
C8A NAD E . 20.07 -9.42 -8.49
N7A NAD E . 21.32 -9.18 -8.98
C5A NAD E . 22.20 -9.22 -7.96
C6A NAD E . 23.57 -9.05 -7.89
N6A NAD E . 24.28 -8.80 -9.00
N1A NAD E . 24.21 -9.17 -6.67
C2A NAD E . 23.48 -9.45 -5.53
N3A NAD E . 22.11 -9.61 -5.60
C4A NAD E . 21.48 -9.50 -6.80
O3 NAD E . 15.90 -13.08 -9.77
PN NAD E . 14.65 -12.08 -9.70
O1N NAD E . 14.57 -11.27 -10.93
O2N NAD E . 14.60 -11.47 -8.36
O5D NAD E . 13.46 -13.16 -9.72
C5D NAD E . 13.36 -14.10 -10.77
C4D NAD E . 11.91 -14.57 -10.83
O4D NAD E . 11.02 -13.49 -11.03
C3D NAD E . 11.68 -15.48 -12.01
O3D NAD E . 10.61 -16.32 -11.66
C2D NAD E . 11.36 -14.51 -13.13
O2D NAD E . 10.58 -15.15 -14.11
C1D NAD E . 10.58 -13.44 -12.37
N1N NAD E . 10.61 -12.04 -12.86
C2N NAD E . 11.21 -11.07 -12.10
C3N NAD E . 11.18 -9.74 -12.52
C7N NAD E . 11.84 -8.65 -11.72
O7N NAD E . 11.71 -7.36 -12.21
N7N NAD E . 12.48 -8.88 -10.57
C4N NAD E . 10.56 -9.41 -13.72
C5N NAD E . 9.94 -10.40 -14.47
C6N NAD E . 9.99 -11.72 -14.03
S SO4 F . -0.47 -14.22 -17.86
O1 SO4 F . -0.81 -13.11 -16.97
O2 SO4 F . -1.12 -15.43 -17.39
O3 SO4 F . -0.93 -13.93 -19.20
O4 SO4 F . 0.99 -14.41 -17.85
S SO4 G . 10.91 -10.60 -2.37
O1 SO4 G . 11.18 -9.16 -2.35
O2 SO4 G . 10.46 -11.02 -1.06
O3 SO4 G . 9.88 -10.87 -3.37
O4 SO4 G . 12.13 -11.32 -2.72
PA NAD H . -0.57 27.15 13.21
O1A NAD H . 0.30 26.02 13.59
O2A NAD H . -0.01 27.81 11.93
O5B NAD H . -2.06 26.62 12.97
C5B NAD H . -3.06 27.42 12.38
C4B NAD H . -4.12 26.48 11.79
O4B NAD H . -3.51 25.62 10.85
C3B NAD H . -4.71 25.61 12.88
O3B NAD H . -6.11 25.48 12.72
C2B NAD H . -4.02 24.28 12.69
O2B NAD H . -4.81 23.19 13.07
C1B NAD H . -3.71 24.27 11.21
N9A NAD H . -2.56 23.41 10.83
C8A NAD H . -1.43 23.14 11.57
N7A NAD H . -0.64 22.31 10.85
C5A NAD H . -1.25 22.06 9.67
C6A NAD H . -0.88 21.28 8.58
N6A NAD H . 0.28 20.62 8.58
N1A NAD H . -1.71 21.20 7.48
C2A NAD H . -2.91 21.89 7.47
N3A NAD H . -3.27 22.66 8.56
C4A NAD H . -2.46 22.74 9.65
O3 NAD H . -0.71 28.21 14.42
PN NAD H . -1.53 27.88 15.77
O1N NAD H . -0.59 27.41 16.79
O2N NAD H . -2.74 27.07 15.48
O5D NAD H . -2.07 29.33 16.22
C5D NAD H . -1.22 30.47 16.14
C4D NAD H . -1.64 31.46 17.23
O4D NAD H . -2.08 30.76 18.38
C3D NAD H . -0.47 32.33 17.65
O3D NAD H . -0.91 33.64 17.91
C2D NAD H . 0.05 31.65 18.90
O2D NAD H . 0.55 32.61 19.82
C1D NAD H . -1.16 30.91 19.46
N1N NAD H . -0.78 29.60 20.04
C2N NAD H . -1.38 28.42 19.63
C3N NAD H . -1.00 27.20 20.21
C7N NAD H . -1.62 25.90 19.80
O7N NAD H . -1.16 24.74 20.45
N7N NAD H . -2.55 25.80 18.86
C4N NAD H . -0.02 27.19 21.21
C5N NAD H . 0.56 28.38 21.61
C6N NAD H . 0.18 29.57 21.02
S SO4 I . -10.31 12.82 28.58
O1 SO4 I . -9.90 13.30 29.90
O2 SO4 I . -10.62 11.40 28.62
O3 SO4 I . -11.48 13.58 28.18
O4 SO4 I . -9.24 13.08 27.63
S SO4 J . 2.33 -23.93 14.50
O1 SO4 J . 1.85 -23.36 13.24
O2 SO4 J . 3.44 -24.84 14.23
O3 SO4 J . 2.79 -22.85 15.35
O4 SO4 J . 1.25 -24.65 15.16
S SO4 K . -20.25 -0.09 -4.71
O1 SO4 K . -20.72 -1.17 -5.56
O2 SO4 K . -18.80 -0.16 -4.53
O3 SO4 K . -20.59 1.20 -5.32
O4 SO4 K . -20.90 -0.21 -3.41
S SO4 L . -28.81 0.75 -12.91
O1 SO4 L . -27.52 0.93 -12.23
O2 SO4 L . -29.58 -0.31 -12.24
O3 SO4 L . -29.55 1.99 -12.88
O4 SO4 L . -28.60 0.37 -14.30
#